data_8VJU
#
_entry.id   8VJU
#
_cell.length_a   142.067
_cell.length_b   60.257
_cell.length_c   95.553
_cell.angle_alpha   90.00
_cell.angle_beta   90.00
_cell.angle_gamma   90.00
#
_symmetry.space_group_name_H-M   'P 21 21 2'
#
loop_
_entity.id
_entity.type
_entity.pdbx_description
1 polymer 'Neurolysin, mitochondrial'
2 polymer 'Dynorphin A(1-13)'
3 non-polymer 'ZINC ION'
4 non-polymer 1,2-ETHANEDIOL
5 non-polymer 'CHLORIDE ION'
6 non-polymer 'SODIUM ION'
7 water water
#
loop_
_entity_poly.entity_id
_entity_poly.type
_entity_poly.pdbx_seq_one_letter_code
_entity_poly.pdbx_strand_id
1 'polypeptide(L)'
;SSYTVAGRNVLRWDLSPEQIKTRTEELIVQTKQVYDAVGMLGIEEVTYENCLQALADVEVKYIVERTMLDFPQHVSSDKE
VRAASTEADKRLSRFDIEMSMRGDIFERIVHLQETCDLGKIKPEARRYLEKSIKMGKRNGLHLPEQVQNEIKSMKKRMSE
LCIDFNKNLNEDDTFLVFSKAELGALPDDFIDSLEKTDDDKYKITLKYPHYFPVMKKCCIPETRRRMEMAFNTRCKEENT
IILQQLLPLRTKVAKLLGYSTHADFVLEMNTAKSTSRVTAFLDDLSQKLKPLGEAEREFILNLKKKECKDRGFEYDGKIN
AWDLYYYMTQTEELKYSIDQEFLKEYFPIEVVTEGLLNTYQELLGLSFEQMTDAHVWNKSVTLYTVKDKATGEVLGQFYL
DLYPREGKYNHAACFGLQPGCLLPDGSRMMAVAALVVNFSQPVAGRPSLLRHDEVRTYFHEFGHVMHQICAQTDFARFSG
TNVETDFVEVPSQMLENWVWDVDSLRRLSKHYKDGSPIADDLLEKLVASRLVNTGLLTLRQIVLSKVDQSLHTNTSLDAA
SEYAKYCSEILGVAATPGTNMPATFGHLAGGYDGQYYGYLWSEVFSMDMFYSCFKKEGIMNPEVGMKYRNLILKPGGSLD
GMDMLHNFLKREPNQKAFLMSRGLHAP
;
A
2 'polypeptide(L)' YGGFLRRIRPKLK C
#
loop_
_chem_comp.id
_chem_comp.type
_chem_comp.name
_chem_comp.formula
CL non-polymer 'CHLORIDE ION' 'Cl -1'
EDO non-polymer 1,2-ETHANEDIOL 'C2 H6 O2'
NA non-polymer 'SODIUM ION' 'Na 1'
ZN non-polymer 'ZINC ION' 'Zn 2'
#
# COMPACT_ATOMS: atom_id res chain seq x y z
N SER A 1 11.67 -16.66 24.02
CA SER A 1 12.15 -17.75 23.20
C SER A 1 11.65 -17.63 21.76
N SER A 2 12.49 -18.07 20.81
CA SER A 2 12.08 -18.09 19.41
C SER A 2 10.99 -19.11 19.13
N TYR A 3 10.70 -20.00 20.08
CA TYR A 3 9.68 -21.04 19.92
C TYR A 3 8.46 -20.80 20.80
N THR A 4 8.33 -19.62 21.38
CA THR A 4 7.18 -19.24 22.20
C THR A 4 6.53 -17.99 21.61
N VAL A 5 5.39 -17.62 22.20
CA VAL A 5 4.69 -16.41 21.80
C VAL A 5 4.32 -15.51 22.97
N ALA A 6 4.23 -16.04 24.20
CA ALA A 6 3.82 -15.23 25.34
C ALA A 6 4.86 -14.16 25.64
N GLY A 7 4.40 -12.91 25.78
CA GLY A 7 5.27 -11.80 26.08
C GLY A 7 6.06 -11.26 24.91
N ARG A 8 6.01 -11.91 23.75
CA ARG A 8 6.78 -11.44 22.60
C ARG A 8 6.07 -10.36 21.80
N ASN A 9 4.76 -10.23 21.97
CA ASN A 9 3.98 -9.12 21.40
C ASN A 9 3.76 -8.11 22.52
N VAL A 10 4.49 -7.00 22.49
CA VAL A 10 4.46 -6.01 23.55
C VAL A 10 3.51 -4.86 23.23
N LEU A 11 2.64 -5.03 22.23
CA LEU A 11 1.76 -3.94 21.80
C LEU A 11 0.53 -3.86 22.68
N ARG A 12 0.16 -2.64 23.06
CA ARG A 12 -1.03 -2.37 23.84
C ARG A 12 -1.96 -1.47 23.05
N TRP A 13 -3.26 -1.78 23.08
CA TRP A 13 -4.26 -1.06 22.30
C TRP A 13 -5.36 -0.48 23.19
N ASP A 14 -5.04 -0.23 24.45
CA ASP A 14 -6.00 0.34 25.41
C ASP A 14 -5.51 1.68 25.95
N LEU A 15 -4.73 2.41 25.15
CA LEU A 15 -4.19 3.69 25.60
C LEU A 15 -5.26 4.77 25.49
N SER A 16 -5.37 5.58 26.53
CA SER A 16 -6.25 6.74 26.50
C SER A 16 -5.55 7.88 25.77
N PRO A 17 -6.30 8.91 25.35
CA PRO A 17 -5.65 10.09 24.75
C PRO A 17 -4.56 10.68 25.64
N GLU A 18 -4.79 10.75 26.95
CA GLU A 18 -3.79 11.30 27.86
C GLU A 18 -2.55 10.41 27.93
N GLN A 19 -2.74 9.10 27.90
CA GLN A 19 -1.60 8.19 27.94
C GLN A 19 -0.79 8.26 26.65
N ILE A 20 -1.47 8.41 25.50
CA ILE A 20 -0.77 8.59 24.24
C ILE A 20 0.14 9.83 24.31
N LYS A 21 -0.39 10.92 24.87
CA LYS A 21 0.40 12.15 24.97
C LYS A 21 1.55 11.98 25.95
N THR A 22 1.28 11.35 27.10
CA THR A 22 2.34 11.14 28.09
C THR A 22 3.43 10.21 27.54
N ARG A 23 3.02 9.10 26.92
CA ARG A 23 3.99 8.17 26.35
C ARG A 23 4.82 8.83 25.26
N THR A 24 4.23 9.75 24.49
CA THR A 24 4.99 10.43 23.44
C THR A 24 6.12 11.26 24.04
N GLU A 25 5.84 11.99 25.12
CA GLU A 25 6.87 12.79 25.76
C GLU A 25 7.93 11.90 26.41
N GLU A 26 7.52 10.80 27.03
CA GLU A 26 8.49 9.89 27.66
C GLU A 26 9.38 9.23 26.61
N LEU A 27 8.81 8.85 25.47
CA LEU A 27 9.61 8.22 24.42
C LEU A 27 10.63 9.20 23.87
N ILE A 28 10.26 10.46 23.69
CA ILE A 28 11.19 11.45 23.17
C ILE A 28 12.32 11.70 24.15
N VAL A 29 12.01 11.80 25.43
CA VAL A 29 13.03 12.08 26.44
C VAL A 29 14.03 10.92 26.51
N GLN A 30 13.52 9.69 26.57
CA GLN A 30 14.41 8.54 26.71
C GLN A 30 15.22 8.29 25.44
N THR A 31 14.60 8.44 24.28
CA THR A 31 15.33 8.24 23.02
C THR A 31 16.43 9.30 22.86
N LYS A 32 16.13 10.55 23.17
CA LYS A 32 17.14 11.60 23.06
C LYS A 32 18.29 11.38 24.02
N GLN A 33 18.05 10.66 25.13
CA GLN A 33 19.13 10.34 26.06
C GLN A 33 20.18 9.47 25.40
N VAL A 34 19.77 8.54 24.53
CA VAL A 34 20.73 7.68 23.85
C VAL A 34 21.53 8.47 22.82
N TYR A 35 20.85 9.25 21.99
CA TYR A 35 21.56 10.04 20.98
C TYR A 35 22.51 11.05 21.61
N ASP A 36 22.13 11.61 22.77
CA ASP A 36 23.02 12.53 23.47
C ASP A 36 24.27 11.81 23.96
N ALA A 37 24.11 10.59 24.49
CA ALA A 37 25.26 9.86 25.00
C ALA A 37 26.25 9.53 23.88
N VAL A 38 25.74 9.08 22.73
CA VAL A 38 26.61 8.81 21.59
C VAL A 38 27.30 10.09 21.16
N GLY A 39 26.55 11.19 21.08
CA GLY A 39 27.14 12.47 20.68
C GLY A 39 28.23 12.96 21.62
N MET A 40 28.11 12.64 22.91
CA MET A 40 29.12 13.09 23.87
C MET A 40 30.42 12.30 23.77
N LEU A 41 30.39 11.12 23.15
CA LEU A 41 31.60 10.33 23.01
C LEU A 41 32.66 11.09 22.22
N GLY A 42 33.91 10.97 22.67
CA GLY A 42 35.01 11.50 21.88
C GLY A 42 35.10 10.76 20.54
N ILE A 43 35.42 11.51 19.48
CA ILE A 43 35.43 10.94 18.15
C ILE A 43 36.41 9.77 18.06
N GLU A 44 37.51 9.83 18.82
CA GLU A 44 38.47 8.74 18.88
C GLU A 44 38.08 7.68 19.90
N GLU A 45 36.96 7.86 20.60
CA GLU A 45 36.49 6.90 21.59
C GLU A 45 35.36 6.01 21.08
N VAL A 46 34.81 6.30 19.89
CA VAL A 46 33.67 5.55 19.39
C VAL A 46 34.10 4.12 19.06
N THR A 47 33.20 3.17 19.33
CA THR A 47 33.42 1.76 19.02
C THR A 47 32.13 1.18 18.47
N TYR A 48 32.23 -0.06 17.96
CA TYR A 48 31.04 -0.75 17.48
C TYR A 48 29.97 -0.82 18.57
N GLU A 49 30.38 -1.03 19.82
CA GLU A 49 29.44 -1.28 20.89
C GLU A 49 28.81 0.00 21.42
N ASN A 50 29.61 1.05 21.62
CA ASN A 50 29.07 2.28 22.20
C ASN A 50 28.45 3.20 21.18
N CYS A 51 28.55 2.88 19.89
CA CYS A 51 28.04 3.76 18.83
C CYS A 51 27.07 3.01 17.92
N LEU A 52 27.55 2.05 17.13
CA LEU A 52 26.65 1.33 16.22
C LEU A 52 25.61 0.54 17.00
N GLN A 53 26.06 -0.27 17.96
CA GLN A 53 25.12 -1.09 18.74
C GLN A 53 24.16 -0.23 19.54
N ALA A 54 24.64 0.87 20.10
CA ALA A 54 23.78 1.75 20.89
C ALA A 54 22.69 2.36 20.03
N LEU A 55 23.03 2.75 18.80
CA LEU A 55 22.02 3.33 17.91
C LEU A 55 21.07 2.27 17.39
N ALA A 56 21.58 1.07 17.10
CA ALA A 56 20.71 0.00 16.64
C ALA A 56 19.71 -0.41 17.73
N ASP A 57 20.17 -0.43 18.99
CA ASP A 57 19.27 -0.80 20.08
C ASP A 57 18.15 0.21 20.25
N VAL A 58 18.46 1.51 20.13
CA VAL A 58 17.42 2.51 20.34
C VAL A 58 16.47 2.56 19.15
N GLU A 59 16.94 2.22 17.96
CA GLU A 59 16.06 2.25 16.79
C GLU A 59 14.94 1.22 16.92
N VAL A 60 15.25 0.01 17.40
CA VAL A 60 14.19 -0.99 17.55
C VAL A 60 13.28 -0.64 18.72
N LYS A 61 13.86 -0.19 19.84
CA LYS A 61 13.03 0.23 20.97
C LYS A 61 12.12 1.38 20.59
N TYR A 62 12.62 2.33 19.79
CA TYR A 62 11.83 3.50 19.45
C TYR A 62 10.71 3.15 18.47
N ILE A 63 11.04 2.37 17.44
CA ILE A 63 10.06 2.11 16.38
C ILE A 63 8.88 1.29 16.92
N VAL A 64 9.12 0.42 17.89
CA VAL A 64 8.04 -0.38 18.46
C VAL A 64 7.14 0.48 19.33
N GLU A 65 7.74 1.29 20.21
CA GLU A 65 6.96 2.21 21.03
C GLU A 65 6.23 3.25 20.17
N ARG A 66 6.87 3.68 19.07
CA ARG A 66 6.23 4.64 18.18
C ARG A 66 4.95 4.06 17.57
N THR A 67 4.95 2.75 17.28
CA THR A 67 3.81 2.10 16.65
C THR A 67 2.55 2.24 17.52
N MET A 68 2.68 1.95 18.82
CA MET A 68 1.54 2.09 19.71
C MET A 68 0.98 3.51 19.74
N LEU A 69 1.78 4.50 19.35
CA LEU A 69 1.33 5.88 19.41
C LEU A 69 0.76 6.37 18.08
N ASP A 70 1.37 5.99 16.95
CA ASP A 70 0.96 6.54 15.66
C ASP A 70 0.04 5.63 14.86
N PHE A 71 -0.20 4.41 15.31
CA PHE A 71 -1.13 3.51 14.62
C PHE A 71 -2.60 3.76 14.95
N PRO A 72 -2.98 4.08 16.20
CA PRO A 72 -4.42 4.22 16.50
C PRO A 72 -5.17 5.23 15.65
N GLN A 73 -4.48 6.23 15.08
CA GLN A 73 -5.16 7.18 14.20
C GLN A 73 -5.77 6.51 12.98
N HIS A 74 -5.34 5.29 12.66
CA HIS A 74 -5.83 4.58 11.49
C HIS A 74 -6.97 3.61 11.78
N VAL A 75 -7.19 3.23 13.03
CA VAL A 75 -8.07 2.10 13.31
C VAL A 75 -8.99 2.33 14.51
N SER A 76 -8.61 3.24 15.41
CA SER A 76 -9.39 3.42 16.64
C SER A 76 -10.76 4.02 16.33
N SER A 77 -11.80 3.46 16.93
CA SER A 77 -13.15 3.98 16.76
C SER A 77 -13.42 5.21 17.63
N ASP A 78 -12.51 5.55 18.53
CA ASP A 78 -12.63 6.74 19.37
C ASP A 78 -11.91 7.90 18.68
N LYS A 79 -12.66 8.92 18.29
CA LYS A 79 -12.07 10.03 17.53
C LYS A 79 -11.05 10.80 18.37
N GLU A 80 -11.20 10.83 19.69
CA GLU A 80 -10.20 11.49 20.53
C GLU A 80 -8.91 10.69 20.57
N VAL A 81 -9.00 9.37 20.54
CA VAL A 81 -7.80 8.54 20.44
C VAL A 81 -7.11 8.78 19.10
N ARG A 82 -7.89 8.83 18.01
CA ARG A 82 -7.31 9.09 16.70
C ARG A 82 -6.63 10.45 16.65
N ALA A 83 -7.22 11.44 17.31
CA ALA A 83 -6.65 12.79 17.29
C ALA A 83 -5.36 12.84 18.10
N ALA A 84 -5.34 12.20 19.26
CA ALA A 84 -4.10 12.15 20.05
C ALA A 84 -3.02 11.38 19.32
N SER A 85 -3.40 10.32 18.60
CA SER A 85 -2.43 9.56 17.82
C SER A 85 -1.85 10.39 16.68
N THR A 86 -2.69 11.19 16.02
CA THR A 86 -2.19 12.06 14.96
C THR A 86 -1.23 13.11 15.51
N GLU A 87 -1.55 13.70 16.67
N GLU A 87 -1.54 13.68 16.67
CA GLU A 87 -0.65 14.68 17.27
CA GLU A 87 -0.65 14.68 17.27
C GLU A 87 0.68 14.03 17.67
C GLU A 87 0.67 14.04 17.70
N ALA A 88 0.62 12.79 18.16
CA ALA A 88 1.86 12.08 18.48
C ALA A 88 2.69 11.85 17.22
N ASP A 89 2.03 11.51 16.11
CA ASP A 89 2.74 11.33 14.85
C ASP A 89 3.41 12.62 14.40
N LYS A 90 2.71 13.76 14.52
CA LYS A 90 3.32 15.04 14.17
C LYS A 90 4.54 15.32 15.04
N ARG A 91 4.42 15.07 16.34
CA ARG A 91 5.51 15.38 17.26
C ARG A 91 6.68 14.42 17.06
N LEU A 92 6.39 13.13 16.89
CA LEU A 92 7.47 12.16 16.70
C LEU A 92 8.12 12.30 15.33
N SER A 93 7.36 12.75 14.33
CA SER A 93 7.97 12.98 13.01
C SER A 93 8.93 14.17 13.03
N ARG A 94 8.58 15.22 13.78
CA ARG A 94 9.52 16.31 13.96
C ARG A 94 10.74 15.86 14.75
N PHE A 95 10.53 15.03 15.78
CA PHE A 95 11.65 14.50 16.54
C PHE A 95 12.55 13.62 15.67
N ASP A 96 11.95 12.83 14.78
CA ASP A 96 12.74 12.01 13.86
C ASP A 96 13.66 12.87 13.02
N ILE A 97 13.17 14.03 12.56
CA ILE A 97 13.99 14.92 11.75
C ILE A 97 15.14 15.49 12.58
N GLU A 98 14.86 15.90 13.82
CA GLU A 98 15.89 16.46 14.68
C GLU A 98 17.03 15.46 14.87
N MET A 99 16.71 14.22 15.22
CA MET A 99 17.74 13.22 15.47
C MET A 99 18.49 12.86 14.19
N SER A 100 17.77 12.76 13.07
CA SER A 100 18.39 12.38 11.81
C SER A 100 19.41 13.40 11.32
N MET A 101 19.33 14.64 11.78
CA MET A 101 20.21 15.71 11.31
C MET A 101 21.22 16.13 12.37
N ARG A 102 21.52 15.26 13.32
CA ARG A 102 22.57 15.51 14.30
C ARG A 102 23.92 15.31 13.63
N GLY A 103 24.69 16.41 13.49
CA GLY A 103 26.01 16.30 12.90
C GLY A 103 26.98 15.50 13.74
N ASP A 104 26.85 15.58 15.07
CA ASP A 104 27.74 14.82 15.94
C ASP A 104 27.57 13.32 15.74
N ILE A 105 26.34 12.86 15.51
CA ILE A 105 26.12 11.45 15.22
C ILE A 105 26.72 11.10 13.86
N PHE A 106 26.44 11.90 12.84
CA PHE A 106 26.95 11.64 11.49
C PHE A 106 28.47 11.60 11.48
N GLU A 107 29.11 12.50 12.21
CA GLU A 107 30.57 12.52 12.27
C GLU A 107 31.12 11.24 12.86
N ARG A 108 30.43 10.68 13.86
CA ARG A 108 30.94 9.51 14.56
C ARG A 108 30.69 8.21 13.80
N ILE A 109 29.56 8.10 13.10
CA ILE A 109 29.35 6.90 12.27
C ILE A 109 30.30 6.91 11.07
N VAL A 110 30.60 8.09 10.52
CA VAL A 110 31.58 8.19 9.44
C VAL A 110 32.95 7.74 9.93
N HIS A 111 33.33 8.21 11.13
CA HIS A 111 34.62 7.81 11.69
C HIS A 111 34.66 6.33 12.02
N LEU A 112 33.52 5.74 12.40
CA LEU A 112 33.49 4.32 12.70
C LEU A 112 33.72 3.48 11.45
N GLN A 113 33.08 3.84 10.34
CA GLN A 113 33.26 3.08 9.11
C GLN A 113 34.68 3.22 8.57
N GLU A 114 35.35 4.33 8.85
CA GLU A 114 36.69 4.54 8.32
C GLU A 114 37.76 3.85 9.14
N THR A 115 37.55 3.69 10.45
CA THR A 115 38.58 3.16 11.32
C THR A 115 38.40 1.68 11.66
N CYS A 116 37.17 1.19 11.75
CA CYS A 116 36.95 -0.19 12.12
C CYS A 116 37.22 -1.11 10.93
N ASP A 117 37.61 -2.34 11.23
CA ASP A 117 37.91 -3.34 10.20
C ASP A 117 36.59 -3.93 9.72
N LEU A 118 36.14 -3.47 8.56
CA LEU A 118 34.84 -3.89 8.04
C LEU A 118 34.79 -5.40 7.79
N GLY A 119 35.94 -6.01 7.51
CA GLY A 119 35.95 -7.44 7.23
C GLY A 119 35.55 -8.30 8.41
N LYS A 120 35.67 -7.79 9.62
CA LYS A 120 35.38 -8.56 10.83
C LYS A 120 34.00 -8.27 11.41
N ILE A 121 33.13 -7.59 10.66
CA ILE A 121 31.74 -7.39 11.06
C ILE A 121 30.84 -7.98 9.99
N LYS A 122 29.62 -8.32 10.41
CA LYS A 122 28.68 -8.97 9.51
C LYS A 122 28.31 -8.03 8.37
N PRO A 123 28.03 -8.58 7.17
CA PRO A 123 27.69 -7.71 6.02
C PRO A 123 26.52 -6.77 6.27
N GLU A 124 25.51 -7.20 7.04
CA GLU A 124 24.40 -6.30 7.32
C GLU A 124 24.83 -5.13 8.19
N ALA A 125 25.84 -5.32 9.03
CA ALA A 125 26.38 -4.21 9.81
C ALA A 125 27.11 -3.22 8.91
N ARG A 126 27.86 -3.74 7.92
CA ARG A 126 28.48 -2.86 6.94
C ARG A 126 27.43 -2.10 6.14
N ARG A 127 26.32 -2.79 5.79
CA ARG A 127 25.22 -2.12 5.12
C ARG A 127 24.60 -1.04 6.01
N TYR A 128 24.47 -1.32 7.31
CA TYR A 128 23.96 -0.32 8.23
C TYR A 128 24.80 0.94 8.20
N LEU A 129 26.12 0.79 8.18
CA LEU A 129 27.00 1.96 8.19
C LEU A 129 26.88 2.76 6.89
N GLU A 130 26.92 2.07 5.75
CA GLU A 130 26.91 2.78 4.48
C GLU A 130 25.55 3.43 4.21
N LYS A 131 24.45 2.75 4.58
CA LYS A 131 23.13 3.36 4.43
C LYS A 131 22.96 4.54 5.37
N SER A 132 23.49 4.42 6.59
CA SER A 132 23.40 5.52 7.55
C SER A 132 24.15 6.75 7.05
N ILE A 133 25.34 6.54 6.48
CA ILE A 133 26.09 7.66 5.91
C ILE A 133 25.37 8.21 4.69
N LYS A 134 24.82 7.34 3.85
CA LYS A 134 24.07 7.79 2.68
C LYS A 134 22.88 8.64 3.09
N MET A 135 22.14 8.20 4.11
CA MET A 135 21.01 8.98 4.60
C MET A 135 21.45 10.33 5.13
N GLY A 136 22.63 10.38 5.76
CA GLY A 136 23.13 11.64 6.26
C GLY A 136 23.43 12.63 5.15
N LYS A 137 24.04 12.16 4.05
CA LYS A 137 24.30 13.05 2.93
C LYS A 137 23.00 13.46 2.25
N ARG A 138 22.01 12.55 2.20
CA ARG A 138 20.68 12.88 1.69
C ARG A 138 19.94 13.83 2.63
N ASN A 139 20.41 14.01 3.85
CA ASN A 139 19.93 15.05 4.75
C ASN A 139 20.84 16.26 4.79
N GLY A 140 21.89 16.28 3.96
CA GLY A 140 22.75 17.44 3.83
C GLY A 140 23.75 17.65 4.95
N LEU A 141 24.08 16.60 5.70
CA LEU A 141 24.96 16.77 6.85
C LEU A 141 26.41 17.03 6.45
N HIS A 142 26.75 16.91 5.17
CA HIS A 142 28.07 17.26 4.66
C HIS A 142 28.11 18.68 4.11
N LEU A 143 27.04 19.44 4.27
CA LEU A 143 26.88 20.79 3.75
C LEU A 143 27.01 21.81 4.88
N PRO A 144 27.18 23.09 4.56
CA PRO A 144 27.35 24.11 5.60
C PRO A 144 26.18 24.13 6.59
N GLU A 145 26.41 24.84 7.71
CA GLU A 145 25.44 24.83 8.80
C GLU A 145 24.10 25.42 8.38
N GLN A 146 24.11 26.60 7.75
CA GLN A 146 22.86 27.29 7.50
C GLN A 146 22.02 26.62 6.42
N VAL A 147 22.62 25.83 5.54
CA VAL A 147 21.80 25.06 4.61
C VAL A 147 21.21 23.84 5.29
N GLN A 148 21.91 23.28 6.29
CA GLN A 148 21.31 22.22 7.10
C GLN A 148 20.10 22.73 7.87
N ASN A 149 20.21 23.94 8.45
CA ASN A 149 19.09 24.51 9.19
C ASN A 149 17.91 24.79 8.28
N GLU A 150 18.18 25.28 7.06
CA GLU A 150 17.12 25.53 6.11
C GLU A 150 16.43 24.24 5.69
N ILE A 151 17.22 23.18 5.45
CA ILE A 151 16.64 21.89 5.11
C ILE A 151 15.81 21.36 6.26
N LYS A 152 16.31 21.50 7.49
CA LYS A 152 15.59 20.97 8.66
C LYS A 152 14.22 21.62 8.81
N SER A 153 14.17 22.95 8.79
CA SER A 153 12.89 23.63 8.97
C SER A 153 11.92 23.33 7.83
N MET A 154 12.44 23.11 6.62
CA MET A 154 11.57 22.75 5.51
C MET A 154 11.07 21.32 5.64
N LYS A 155 11.92 20.40 6.09
CA LYS A 155 11.50 19.02 6.26
C LYS A 155 10.44 18.91 7.37
N LYS A 156 10.59 19.71 8.43
CA LYS A 156 9.58 19.73 9.48
C LYS A 156 8.24 20.23 8.96
N ARG A 157 8.26 21.30 8.16
CA ARG A 157 7.03 21.78 7.56
C ARG A 157 6.39 20.72 6.67
N MET A 158 7.21 20.00 5.90
CA MET A 158 6.67 19.00 4.99
C MET A 158 6.05 17.83 5.73
N SER A 159 6.61 17.44 6.88
CA SER A 159 6.05 16.31 7.61
C SER A 159 4.65 16.63 8.12
N GLU A 160 4.41 17.89 8.54
CA GLU A 160 3.09 18.25 9.00
C GLU A 160 2.11 18.41 7.84
N LEU A 161 2.58 18.90 6.69
CA LEU A 161 1.72 19.01 5.52
C LEU A 161 1.24 17.64 5.06
N CYS A 162 2.17 16.65 5.00
CA CYS A 162 1.78 15.31 4.60
C CYS A 162 0.81 14.68 5.58
N ILE A 163 1.05 14.86 6.89
CA ILE A 163 0.15 14.29 7.88
C ILE A 163 -1.23 14.93 7.79
N ASP A 164 -1.29 16.25 7.64
CA ASP A 164 -2.57 16.93 7.49
C ASP A 164 -3.29 16.49 6.22
N PHE A 165 -2.53 16.33 5.13
CA PHE A 165 -3.12 15.93 3.85
C PHE A 165 -3.91 14.63 4.00
N ASN A 166 -3.32 13.62 4.64
CA ASN A 166 -3.99 12.34 4.80
C ASN A 166 -5.02 12.37 5.92
N LYS A 167 -4.76 13.15 6.98
CA LYS A 167 -5.75 13.29 8.05
C LYS A 167 -7.05 13.87 7.50
N ASN A 168 -6.96 14.87 6.63
CA ASN A 168 -8.15 15.46 6.05
C ASN A 168 -8.97 14.43 5.28
N LEU A 169 -8.30 13.61 4.47
CA LEU A 169 -9.00 12.59 3.70
C LEU A 169 -9.55 11.49 4.61
N ASN A 170 -8.85 11.16 5.69
CA ASN A 170 -9.29 10.07 6.56
C ASN A 170 -10.52 10.44 7.35
N GLU A 171 -10.66 11.71 7.74
CA GLU A 171 -11.78 12.15 8.57
C GLU A 171 -12.89 12.82 7.78
N ASP A 172 -12.79 12.83 6.45
CA ASP A 172 -13.86 13.41 5.65
C ASP A 172 -15.14 12.60 5.79
N ASP A 173 -16.27 13.29 5.88
CA ASP A 173 -17.57 12.64 6.08
C ASP A 173 -18.59 13.10 5.06
N THR A 174 -18.16 13.37 3.84
CA THR A 174 -19.08 13.79 2.80
C THR A 174 -20.08 12.68 2.48
N PHE A 175 -21.35 13.05 2.33
CA PHE A 175 -22.38 12.10 1.96
C PHE A 175 -23.39 12.78 1.05
N LEU A 176 -24.06 11.97 0.22
CA LEU A 176 -25.10 12.43 -0.68
C LEU A 176 -26.39 11.68 -0.40
N VAL A 177 -27.50 12.30 -0.81
CA VAL A 177 -28.82 11.75 -0.58
C VAL A 177 -29.47 11.45 -1.93
N PHE A 178 -29.95 10.22 -2.10
CA PHE A 178 -30.60 9.79 -3.33
C PHE A 178 -31.87 9.03 -3.00
N SER A 179 -32.86 9.15 -3.89
CA SER A 179 -34.09 8.40 -3.78
C SER A 179 -33.90 6.99 -4.33
N LYS A 180 -34.92 6.15 -4.11
CA LYS A 180 -34.88 4.78 -4.63
C LYS A 180 -34.77 4.79 -6.16
N ALA A 181 -35.55 5.64 -6.82
CA ALA A 181 -35.50 5.70 -8.28
C ALA A 181 -34.14 6.18 -8.76
N GLU A 182 -33.52 7.13 -8.05
CA GLU A 182 -32.20 7.62 -8.41
C GLU A 182 -31.10 6.58 -8.19
N LEU A 183 -31.41 5.48 -7.50
CA LEU A 183 -30.47 4.38 -7.27
C LEU A 183 -30.85 3.15 -8.08
N GLY A 184 -31.38 3.36 -9.29
CA GLY A 184 -31.80 2.24 -10.10
C GLY A 184 -30.66 1.32 -10.46
N ALA A 185 -31.01 0.05 -10.68
CA ALA A 185 -30.15 -1.08 -11.02
C ALA A 185 -29.32 -1.55 -9.83
N LEU A 186 -29.25 -0.80 -8.73
CA LEU A 186 -28.51 -1.27 -7.56
C LEU A 186 -29.32 -2.34 -6.83
N PRO A 187 -28.68 -3.40 -6.36
CA PRO A 187 -29.43 -4.52 -5.78
C PRO A 187 -29.99 -4.18 -4.40
N ASP A 188 -30.98 -4.97 -3.99
CA ASP A 188 -31.66 -4.71 -2.72
C ASP A 188 -30.74 -4.89 -1.52
N ASP A 189 -29.86 -5.90 -1.58
CA ASP A 189 -28.94 -6.12 -0.46
C ASP A 189 -28.02 -4.93 -0.23
N PHE A 190 -27.81 -4.10 -1.25
CA PHE A 190 -27.06 -2.86 -1.07
C PHE A 190 -27.95 -1.75 -0.56
N ILE A 191 -29.14 -1.59 -1.16
CA ILE A 191 -30.01 -0.48 -0.80
C ILE A 191 -30.54 -0.64 0.62
N ASP A 192 -30.91 -1.87 1.00
CA ASP A 192 -31.46 -2.11 2.33
C ASP A 192 -30.42 -1.96 3.44
N SER A 193 -29.18 -1.57 3.11
CA SER A 193 -28.14 -1.35 4.10
C SER A 193 -27.83 0.12 4.32
N LEU A 194 -28.44 1.02 3.55
CA LEU A 194 -28.18 2.45 3.67
C LEU A 194 -29.12 3.06 4.70
N GLU A 195 -28.66 4.13 5.34
CA GLU A 195 -29.52 4.88 6.25
C GLU A 195 -30.55 5.68 5.47
N LYS A 196 -31.76 5.76 6.01
CA LYS A 196 -32.84 6.51 5.37
C LYS A 196 -32.95 7.91 5.98
N THR A 197 -33.47 8.83 5.17
CA THR A 197 -33.68 10.22 5.59
C THR A 197 -35.15 10.46 5.87
N ASP A 198 -35.46 11.71 6.26
CA ASP A 198 -36.83 12.07 6.60
C ASP A 198 -37.76 12.08 5.39
N ASP A 199 -37.23 12.06 4.17
CA ASP A 199 -38.04 11.98 2.96
C ASP A 199 -37.99 10.60 2.33
N ASP A 200 -37.68 9.57 3.12
CA ASP A 200 -37.62 8.18 2.65
C ASP A 200 -36.58 7.99 1.55
N LYS A 201 -35.54 8.82 1.56
CA LYS A 201 -34.41 8.66 0.66
C LYS A 201 -33.29 7.92 1.39
N TYR A 202 -32.11 7.85 0.78
CA TYR A 202 -31.01 7.08 1.33
C TYR A 202 -29.74 7.93 1.37
N LYS A 203 -29.00 7.81 2.46
CA LYS A 203 -27.70 8.45 2.58
C LYS A 203 -26.62 7.53 2.02
N ILE A 204 -25.78 8.06 1.14
CA ILE A 204 -24.66 7.33 0.56
C ILE A 204 -23.39 8.11 0.82
N THR A 205 -22.41 7.46 1.43
CA THR A 205 -21.13 8.08 1.73
C THR A 205 -20.17 7.90 0.56
N LEU A 206 -18.98 8.46 0.70
CA LEU A 206 -17.94 8.35 -0.32
C LEU A 206 -16.95 7.23 -0.02
N LYS A 207 -17.19 6.43 1.02
CA LYS A 207 -16.37 5.25 1.27
C LYS A 207 -16.41 4.32 0.07
N TYR A 208 -15.36 3.50 -0.06
CA TYR A 208 -15.28 2.55 -1.16
C TYR A 208 -16.46 1.59 -1.22
N PRO A 209 -16.92 0.97 -0.12
CA PRO A 209 -18.07 0.06 -0.22
C PRO A 209 -19.35 0.75 -0.68
N HIS A 210 -19.39 2.08 -0.68
CA HIS A 210 -20.52 2.83 -1.23
C HIS A 210 -20.21 3.38 -2.62
N TYR A 211 -19.05 4.00 -2.79
CA TYR A 211 -18.73 4.66 -4.05
C TYR A 211 -18.64 3.67 -5.20
N PHE A 212 -17.86 2.60 -5.01
CA PHE A 212 -17.63 1.64 -6.09
C PHE A 212 -18.90 0.99 -6.60
N PRO A 213 -19.78 0.41 -5.76
CA PRO A 213 -21.00 -0.21 -6.32
C PRO A 213 -21.86 0.77 -7.09
N VAL A 214 -21.93 2.03 -6.66
CA VAL A 214 -22.74 3.01 -7.37
C VAL A 214 -22.14 3.29 -8.75
N MET A 215 -20.82 3.47 -8.82
CA MET A 215 -20.18 3.80 -10.08
C MET A 215 -20.20 2.62 -11.04
N LYS A 216 -20.23 1.40 -10.52
CA LYS A 216 -20.19 0.21 -11.37
C LYS A 216 -21.56 -0.25 -11.84
N LYS A 217 -22.61 0.01 -11.06
CA LYS A 217 -23.91 -0.61 -11.30
C LYS A 217 -25.09 0.34 -11.42
N CYS A 218 -25.00 1.59 -10.96
CA CYS A 218 -26.15 2.48 -10.99
C CYS A 218 -26.42 2.94 -12.42
N CYS A 219 -27.64 2.69 -12.91
CA CYS A 219 -28.00 2.98 -14.30
C CYS A 219 -28.46 4.41 -14.51
N ILE A 220 -28.46 5.24 -13.46
CA ILE A 220 -28.88 6.64 -13.57
C ILE A 220 -27.63 7.48 -13.78
N PRO A 221 -27.42 8.06 -14.96
CA PRO A 221 -26.16 8.80 -15.20
C PRO A 221 -25.96 9.97 -14.26
N GLU A 222 -27.02 10.71 -13.93
CA GLU A 222 -26.87 11.84 -13.03
C GLU A 222 -26.42 11.41 -11.65
N THR A 223 -26.87 10.24 -11.19
CA THR A 223 -26.41 9.73 -9.90
C THR A 223 -24.92 9.44 -9.93
N ARG A 224 -24.44 8.78 -10.99
CA ARG A 224 -23.01 8.52 -11.11
C ARG A 224 -22.22 9.81 -11.24
N ARG A 225 -22.78 10.80 -11.93
CA ARG A 225 -22.06 12.06 -12.14
C ARG A 225 -21.92 12.82 -10.82
N ARG A 226 -22.99 12.89 -10.02
CA ARG A 226 -22.91 13.59 -8.75
C ARG A 226 -21.92 12.91 -7.80
N MET A 227 -21.87 11.57 -7.83
CA MET A 227 -20.93 10.85 -6.98
C MET A 227 -19.49 11.10 -7.40
N GLU A 228 -19.22 11.06 -8.71
CA GLU A 228 -17.86 11.27 -9.19
C GLU A 228 -17.37 12.68 -8.86
N MET A 229 -18.26 13.68 -8.97
CA MET A 229 -17.88 15.04 -8.63
C MET A 229 -17.53 15.16 -7.15
N ALA A 230 -18.34 14.56 -6.28
CA ALA A 230 -18.05 14.61 -4.84
C ALA A 230 -16.79 13.82 -4.50
N PHE A 231 -16.63 12.64 -5.11
CA PHE A 231 -15.48 11.80 -4.79
C PHE A 231 -14.17 12.49 -5.15
N ASN A 232 -14.13 13.16 -6.30
CA ASN A 232 -12.93 13.82 -6.78
C ASN A 232 -12.87 15.30 -6.42
N THR A 233 -13.66 15.72 -5.42
CA THR A 233 -13.52 17.05 -4.83
C THR A 233 -13.36 16.98 -3.31
N ARG A 234 -13.15 15.78 -2.74
CA ARG A 234 -12.91 15.67 -1.31
C ARG A 234 -11.69 16.48 -0.91
N CYS A 235 -11.88 17.37 0.08
CA CYS A 235 -10.80 18.19 0.63
C CYS A 235 -10.17 19.07 -0.44
N LYS A 236 -10.95 19.46 -1.44
CA LYS A 236 -10.40 20.21 -2.57
C LYS A 236 -9.71 21.49 -2.10
N GLU A 237 -10.37 22.27 -1.24
CA GLU A 237 -9.81 23.53 -0.79
C GLU A 237 -8.53 23.34 0.02
N GLU A 238 -8.62 22.59 1.11
CA GLU A 238 -7.51 22.50 2.06
C GLU A 238 -6.34 21.70 1.49
N ASN A 239 -6.62 20.66 0.68
CA ASN A 239 -5.52 19.85 0.16
C ASN A 239 -4.87 20.46 -1.08
N THR A 240 -5.57 21.33 -1.81
CA THR A 240 -4.89 22.09 -2.85
C THR A 240 -3.89 23.07 -2.24
N ILE A 241 -4.27 23.72 -1.13
CA ILE A 241 -3.36 24.60 -0.42
C ILE A 241 -2.14 23.84 0.05
N ILE A 242 -2.35 22.62 0.56
CA ILE A 242 -1.23 21.81 1.02
C ILE A 242 -0.30 21.47 -0.13
N LEU A 243 -0.86 21.02 -1.26
CA LEU A 243 -0.03 20.70 -2.43
C LEU A 243 0.72 21.93 -2.92
N GLN A 244 0.07 23.11 -2.89
CA GLN A 244 0.72 24.33 -3.36
C GLN A 244 1.92 24.70 -2.49
N GLN A 245 1.99 24.22 -1.26
CA GLN A 245 3.18 24.39 -0.43
C GLN A 245 4.11 23.19 -0.49
N LEU A 246 3.56 21.97 -0.45
CA LEU A 246 4.38 20.77 -0.32
C LEU A 246 5.27 20.57 -1.54
N LEU A 247 4.70 20.69 -2.74
CA LEU A 247 5.46 20.41 -3.95
C LEU A 247 6.63 21.38 -4.15
N PRO A 248 6.45 22.71 -4.01
CA PRO A 248 7.64 23.59 -4.08
C PRO A 248 8.65 23.33 -2.98
N LEU A 249 8.19 22.96 -1.77
CA LEU A 249 9.14 22.64 -0.70
C LEU A 249 9.99 21.44 -1.08
N ARG A 250 9.38 20.39 -1.63
CA ARG A 250 10.15 19.22 -2.05
C ARG A 250 11.20 19.60 -3.09
N THR A 251 10.84 20.47 -4.04
CA THR A 251 11.80 20.92 -5.04
C THR A 251 12.94 21.71 -4.41
N LYS A 252 12.61 22.64 -3.51
CA LYS A 252 13.64 23.49 -2.93
C LYS A 252 14.61 22.68 -2.06
N VAL A 253 14.13 21.64 -1.38
CA VAL A 253 15.02 20.80 -0.59
C VAL A 253 15.94 19.99 -1.51
N ALA A 254 15.38 19.41 -2.57
CA ALA A 254 16.20 18.63 -3.50
C ALA A 254 17.27 19.49 -4.15
N LYS A 255 16.94 20.74 -4.47
CA LYS A 255 17.92 21.67 -5.04
C LYS A 255 19.07 21.89 -4.07
N LEU A 256 18.77 22.17 -2.81
CA LEU A 256 19.82 22.40 -1.81
C LEU A 256 20.72 21.19 -1.66
N LEU A 257 20.18 19.99 -1.83
CA LEU A 257 20.96 18.77 -1.69
C LEU A 257 21.79 18.45 -2.93
N GLY A 258 21.57 19.17 -4.03
CA GLY A 258 22.33 18.95 -5.26
C GLY A 258 21.57 18.26 -6.37
N TYR A 259 20.31 17.90 -6.15
CA TYR A 259 19.51 17.24 -7.18
C TYR A 259 18.70 18.26 -7.96
N SER A 260 18.45 17.96 -9.23
CA SER A 260 17.71 18.88 -10.07
C SER A 260 16.21 18.87 -9.76
N THR A 261 15.66 17.71 -9.40
CA THR A 261 14.24 17.60 -9.07
C THR A 261 14.06 16.66 -7.88
N HIS A 262 12.89 16.74 -7.26
CA HIS A 262 12.54 15.81 -6.20
C HIS A 262 12.45 14.39 -6.75
N ALA A 263 11.95 14.24 -7.99
CA ALA A 263 11.87 12.93 -8.61
C ALA A 263 13.25 12.27 -8.70
N ASP A 264 14.25 13.03 -9.15
CA ASP A 264 15.62 12.52 -9.17
C ASP A 264 16.07 12.12 -7.77
N PHE A 265 15.70 12.92 -6.76
CA PHE A 265 16.14 12.67 -5.40
C PHE A 265 15.61 11.34 -4.87
N VAL A 266 14.33 11.03 -5.11
CA VAL A 266 13.77 9.79 -4.59
C VAL A 266 14.15 8.60 -5.46
N LEU A 267 14.32 8.80 -6.78
CA LEU A 267 14.62 7.69 -7.67
C LEU A 267 15.96 7.03 -7.35
N GLU A 268 16.88 7.79 -6.75
CA GLU A 268 18.20 7.26 -6.42
C GLU A 268 18.10 6.09 -5.45
N MET A 269 17.04 6.02 -4.65
CA MET A 269 16.87 4.97 -3.66
C MET A 269 15.97 3.84 -4.15
N ASN A 270 15.71 3.78 -5.46
CA ASN A 270 14.86 2.76 -6.04
C ASN A 270 15.63 1.96 -7.07
N THR A 271 15.09 0.78 -7.41
CA THR A 271 15.74 -0.05 -8.41
C THR A 271 15.74 0.59 -9.79
N ALA A 272 14.78 1.49 -10.06
CA ALA A 272 14.73 2.17 -11.34
C ALA A 272 15.88 3.17 -11.50
N LYS A 273 16.38 3.71 -10.39
CA LYS A 273 17.59 4.53 -10.33
C LYS A 273 17.40 5.95 -10.85
N SER A 274 16.78 6.12 -12.02
CA SER A 274 16.74 7.42 -12.66
C SER A 274 15.35 7.70 -13.22
N THR A 275 15.05 9.00 -13.35
CA THR A 275 13.76 9.41 -13.91
C THR A 275 13.66 9.11 -15.39
N SER A 276 14.79 9.17 -16.12
CA SER A 276 14.75 8.83 -17.53
C SER A 276 14.41 7.37 -17.75
N ARG A 277 14.78 6.49 -16.80
CA ARG A 277 14.37 5.09 -16.89
C ARG A 277 12.88 4.95 -16.64
N VAL A 278 12.33 5.72 -15.69
CA VAL A 278 10.90 5.65 -15.42
C VAL A 278 10.11 6.17 -16.61
N THR A 279 10.54 7.29 -17.18
CA THR A 279 9.85 7.86 -18.33
C THR A 279 9.83 6.89 -19.51
N ALA A 280 10.99 6.30 -19.83
CA ALA A 280 11.05 5.35 -20.92
C ALA A 280 10.16 4.14 -20.65
N PHE A 281 10.10 3.69 -19.40
CA PHE A 281 9.25 2.56 -19.05
C PHE A 281 7.78 2.89 -19.25
N LEU A 282 7.31 4.00 -18.67
CA LEU A 282 5.91 4.38 -18.80
C LEU A 282 5.56 4.72 -20.24
N ASP A 283 6.43 5.47 -20.94
CA ASP A 283 6.11 5.90 -22.30
C ASP A 283 6.06 4.72 -23.27
N ASP A 284 6.97 3.76 -23.12
CA ASP A 284 6.95 2.60 -24.02
C ASP A 284 5.76 1.70 -23.72
N LEU A 285 5.43 1.53 -22.44
CA LEU A 285 4.25 0.73 -22.09
C LEU A 285 2.97 1.41 -22.58
N SER A 286 2.91 2.73 -22.46
CA SER A 286 1.74 3.47 -22.94
C SER A 286 1.54 3.27 -24.43
N GLN A 287 2.63 3.18 -25.19
CA GLN A 287 2.51 3.03 -26.64
C GLN A 287 2.02 1.63 -27.01
N LYS A 288 2.45 0.62 -26.25
CA LYS A 288 1.97 -0.74 -26.49
C LYS A 288 0.49 -0.88 -26.16
N LEU A 289 0.02 -0.16 -25.15
CA LEU A 289 -1.38 -0.25 -24.72
C LEU A 289 -2.31 0.62 -25.56
N LYS A 290 -1.77 1.54 -26.36
CA LYS A 290 -2.60 2.46 -27.13
C LYS A 290 -3.66 1.78 -27.98
N PRO A 291 -3.35 0.74 -28.77
CA PRO A 291 -4.42 0.11 -29.56
C PRO A 291 -5.50 -0.53 -28.71
N LEU A 292 -5.13 -1.12 -27.57
CA LEU A 292 -6.13 -1.73 -26.70
C LEU A 292 -7.07 -0.67 -26.13
N GLY A 293 -6.52 0.47 -25.72
CA GLY A 293 -7.36 1.54 -25.20
C GLY A 293 -8.34 2.07 -26.23
N GLU A 294 -7.89 2.20 -27.49
CA GLU A 294 -8.78 2.66 -28.55
C GLU A 294 -9.93 1.69 -28.77
N ALA A 295 -9.61 0.39 -28.83
CA ALA A 295 -10.66 -0.62 -29.03
C ALA A 295 -11.63 -0.65 -27.85
N GLU A 296 -11.11 -0.53 -26.63
CA GLU A 296 -11.98 -0.56 -25.45
C GLU A 296 -12.87 0.67 -25.38
N ARG A 297 -12.32 1.85 -25.72
CA ARG A 297 -13.13 3.07 -25.72
C ARG A 297 -14.22 3.00 -26.79
N GLU A 298 -13.91 2.40 -27.95
CA GLU A 298 -14.90 2.25 -29.00
C GLU A 298 -16.06 1.37 -28.54
N PHE A 299 -15.75 0.24 -27.91
CA PHE A 299 -16.79 -0.67 -27.44
C PHE A 299 -17.64 0.00 -26.35
N ILE A 300 -17.00 0.77 -25.47
CA ILE A 300 -17.74 1.44 -24.41
C ILE A 300 -18.69 2.47 -24.99
N LEU A 301 -18.25 3.22 -26.01
CA LEU A 301 -19.12 4.21 -26.64
C LEU A 301 -20.34 3.55 -27.27
N ASN A 302 -20.15 2.38 -27.89
CA ASN A 302 -21.27 1.65 -28.45
C ASN A 302 -22.24 1.18 -27.37
N LEU A 303 -21.70 0.73 -26.23
CA LEU A 303 -22.56 0.36 -25.11
C LEU A 303 -23.37 1.54 -24.62
N LYS A 304 -22.72 2.70 -24.46
CA LYS A 304 -23.42 3.87 -23.95
C LYS A 304 -24.47 4.36 -24.94
N LYS A 305 -24.15 4.34 -26.24
CA LYS A 305 -25.11 4.79 -27.23
C LYS A 305 -26.34 3.91 -27.26
N LYS A 306 -26.17 2.59 -27.14
CA LYS A 306 -27.32 1.70 -27.13
C LYS A 306 -28.15 1.89 -25.86
N GLU A 307 -27.50 1.98 -24.70
CA GLU A 307 -28.24 2.12 -23.45
C GLU A 307 -29.00 3.44 -23.41
N CYS A 308 -28.38 4.53 -23.88
CA CYS A 308 -29.09 5.81 -23.94
C CYS A 308 -30.32 5.71 -24.83
N LYS A 309 -30.20 4.97 -25.93
CA LYS A 309 -31.35 4.80 -26.83
C LYS A 309 -32.42 3.92 -26.19
N ASP A 310 -32.00 2.86 -25.49
CA ASP A 310 -32.97 1.97 -24.86
C ASP A 310 -33.67 2.65 -23.68
N ARG A 311 -32.92 3.36 -22.85
CA ARG A 311 -33.47 4.00 -21.67
C ARG A 311 -34.00 5.41 -21.95
N GLY A 312 -33.86 5.90 -23.18
CA GLY A 312 -34.37 7.22 -23.50
C GLY A 312 -33.60 8.37 -22.89
N PHE A 313 -32.29 8.22 -22.72
CA PHE A 313 -31.44 9.27 -22.17
C PHE A 313 -30.80 10.07 -23.29
N GLU A 314 -30.32 11.25 -22.93
CA GLU A 314 -29.53 12.04 -23.87
C GLU A 314 -28.14 11.43 -24.04
N TYR A 315 -27.64 11.47 -25.26
CA TYR A 315 -26.34 10.88 -25.61
C TYR A 315 -25.40 12.00 -26.04
N ASP A 316 -24.33 12.21 -25.26
CA ASP A 316 -23.38 13.27 -25.52
C ASP A 316 -22.19 12.82 -26.35
N GLY A 317 -22.13 11.54 -26.73
CA GLY A 317 -21.08 11.07 -27.62
C GLY A 317 -19.70 10.97 -27.02
N LYS A 318 -19.58 10.95 -25.70
CA LYS A 318 -18.27 10.85 -25.06
C LYS A 318 -18.34 9.95 -23.84
N ILE A 319 -17.17 9.48 -23.41
CA ILE A 319 -17.04 8.69 -22.20
C ILE A 319 -16.65 9.64 -21.07
N ASN A 320 -17.61 9.98 -20.22
CA ASN A 320 -17.31 10.83 -19.09
C ASN A 320 -16.65 10.03 -17.98
N ALA A 321 -16.02 10.74 -17.04
CA ALA A 321 -15.36 10.08 -15.92
C ALA A 321 -16.33 9.18 -15.16
N TRP A 322 -17.58 9.63 -15.02
CA TRP A 322 -18.59 8.86 -14.31
C TRP A 322 -19.21 7.76 -15.14
N ASP A 323 -18.70 7.51 -16.35
CA ASP A 323 -19.16 6.41 -17.19
C ASP A 323 -18.19 5.24 -17.24
N LEU A 324 -16.94 5.42 -16.83
CA LEU A 324 -15.90 4.45 -17.14
C LEU A 324 -16.13 3.12 -16.42
N TYR A 325 -16.21 3.15 -15.09
CA TYR A 325 -16.41 1.90 -14.34
C TYR A 325 -17.72 1.22 -14.70
N TYR A 326 -18.76 2.01 -14.97
CA TYR A 326 -20.07 1.44 -15.27
C TYR A 326 -20.03 0.58 -16.53
N TYR A 327 -19.39 1.08 -17.58
CA TYR A 327 -19.34 0.34 -18.83
C TYR A 327 -18.18 -0.64 -18.88
N MET A 328 -17.14 -0.43 -18.07
CA MET A 328 -16.16 -1.50 -17.87
C MET A 328 -16.82 -2.71 -17.23
N THR A 329 -17.74 -2.48 -16.29
CA THR A 329 -18.46 -3.58 -15.67
C THR A 329 -19.32 -4.32 -16.69
N GLN A 330 -20.00 -3.58 -17.57
CA GLN A 330 -20.79 -4.21 -18.62
C GLN A 330 -19.92 -5.02 -19.56
N THR A 331 -18.72 -4.52 -19.87
CA THR A 331 -17.80 -5.26 -20.73
C THR A 331 -17.45 -6.61 -20.12
N GLU A 332 -17.20 -6.63 -18.81
CA GLU A 332 -16.88 -7.88 -18.13
C GLU A 332 -18.04 -8.87 -18.21
N GLU A 333 -19.27 -8.40 -17.99
CA GLU A 333 -20.43 -9.28 -18.03
C GLU A 333 -20.69 -9.80 -19.44
N LEU A 334 -20.55 -8.94 -20.45
CA LEU A 334 -20.95 -9.31 -21.80
C LEU A 334 -19.90 -10.14 -22.51
N LYS A 335 -18.63 -9.72 -22.44
CA LYS A 335 -17.58 -10.40 -23.18
C LYS A 335 -17.06 -11.64 -22.45
N TYR A 336 -17.21 -11.72 -21.13
CA TYR A 336 -16.64 -12.82 -20.37
C TYR A 336 -17.64 -13.52 -19.45
N SER A 337 -18.92 -13.13 -19.51
CA SER A 337 -19.98 -13.80 -18.75
C SER A 337 -19.69 -13.82 -17.25
N ILE A 338 -19.07 -12.76 -16.74
CA ILE A 338 -18.72 -12.65 -15.33
C ILE A 338 -19.65 -11.64 -14.68
N ASP A 339 -20.51 -12.12 -13.78
CA ASP A 339 -21.36 -11.28 -12.95
C ASP A 339 -20.77 -11.31 -11.54
N GLN A 340 -20.17 -10.18 -11.12
CA GLN A 340 -19.51 -10.13 -9.82
C GLN A 340 -20.50 -10.37 -8.68
N GLU A 341 -21.75 -9.94 -8.84
CA GLU A 341 -22.72 -10.10 -7.76
C GLU A 341 -23.17 -11.55 -7.61
N PHE A 342 -23.12 -12.33 -8.69
CA PHE A 342 -23.39 -13.76 -8.57
C PHE A 342 -22.15 -14.50 -8.08
N LEU A 343 -20.97 -14.12 -8.57
CA LEU A 343 -19.74 -14.83 -8.24
C LEU A 343 -19.39 -14.69 -6.76
N LYS A 344 -19.77 -13.58 -6.13
CA LYS A 344 -19.45 -13.38 -4.72
C LYS A 344 -20.14 -14.40 -3.81
N GLU A 345 -21.25 -15.00 -4.26
CA GLU A 345 -21.92 -16.02 -3.47
C GLU A 345 -21.00 -17.21 -3.19
N TYR A 346 -19.94 -17.38 -3.98
CA TYR A 346 -19.01 -18.47 -3.78
C TYR A 346 -17.79 -18.07 -2.96
N PHE A 347 -17.71 -16.81 -2.51
CA PHE A 347 -16.58 -16.33 -1.71
C PHE A 347 -17.03 -15.78 -0.37
N PRO A 348 -17.66 -16.59 0.48
CA PRO A 348 -17.87 -16.15 1.87
C PRO A 348 -16.53 -15.95 2.55
N ILE A 349 -16.46 -14.92 3.40
CA ILE A 349 -15.17 -14.43 3.86
C ILE A 349 -14.41 -15.49 4.66
N GLU A 350 -15.14 -16.37 5.36
CA GLU A 350 -14.46 -17.40 6.14
C GLU A 350 -13.82 -18.45 5.23
N VAL A 351 -14.48 -18.76 4.11
CA VAL A 351 -13.91 -19.71 3.15
C VAL A 351 -12.68 -19.12 2.47
N VAL A 352 -12.73 -17.83 2.14
CA VAL A 352 -11.60 -17.17 1.50
C VAL A 352 -10.41 -17.10 2.47
N THR A 353 -10.66 -16.73 3.72
CA THR A 353 -9.60 -16.67 4.71
C THR A 353 -8.97 -18.05 4.91
N GLU A 354 -9.81 -19.09 5.04
CA GLU A 354 -9.31 -20.44 5.22
C GLU A 354 -8.43 -20.87 4.06
N GLY A 355 -8.89 -20.68 2.83
CA GLY A 355 -8.10 -21.06 1.67
C GLY A 355 -6.85 -20.21 1.50
N LEU A 356 -6.93 -18.94 1.87
CA LEU A 356 -5.74 -18.08 1.82
C LEU A 356 -4.68 -18.55 2.81
N LEU A 357 -5.10 -18.90 4.03
CA LEU A 357 -4.15 -19.42 5.01
C LEU A 357 -3.60 -20.77 4.59
N ASN A 358 -4.44 -21.64 4.04
CA ASN A 358 -3.97 -22.95 3.59
C ASN A 358 -2.99 -22.83 2.43
N THR A 359 -3.16 -21.82 1.58
CA THR A 359 -2.26 -21.64 0.45
C THR A 359 -0.83 -21.36 0.92
N TYR A 360 -0.68 -20.50 1.93
CA TYR A 360 0.65 -20.21 2.45
C TYR A 360 1.21 -21.37 3.26
N GLN A 361 0.34 -22.06 4.00
CA GLN A 361 0.79 -23.24 4.75
C GLN A 361 1.42 -24.25 3.83
N GLU A 362 0.76 -24.58 2.72
CA GLU A 362 1.26 -25.60 1.82
C GLU A 362 2.41 -25.11 0.96
N LEU A 363 2.44 -23.82 0.63
CA LEU A 363 3.43 -23.32 -0.32
C LEU A 363 4.72 -22.87 0.34
N LEU A 364 4.64 -22.17 1.48
CA LEU A 364 5.82 -21.61 2.11
C LEU A 364 6.20 -22.34 3.40
N GLY A 365 5.56 -23.47 3.69
CA GLY A 365 5.89 -24.25 4.88
C GLY A 365 5.67 -23.51 6.18
N LEU A 366 4.47 -22.98 6.38
CA LEU A 366 4.12 -22.24 7.58
C LEU A 366 2.90 -22.85 8.24
N SER A 367 2.68 -22.50 9.50
CA SER A 367 1.50 -22.92 10.26
C SER A 367 0.84 -21.70 10.85
N PHE A 368 -0.49 -21.65 10.76
CA PHE A 368 -1.27 -20.52 11.26
C PHE A 368 -2.22 -21.00 12.35
N GLU A 369 -2.39 -20.18 13.37
CA GLU A 369 -3.32 -20.51 14.46
C GLU A 369 -3.97 -19.22 14.96
N GLN A 370 -5.29 -19.22 15.01
CA GLN A 370 -6.01 -18.05 15.51
C GLN A 370 -5.97 -18.04 17.04
N MET A 371 -5.65 -16.90 17.61
CA MET A 371 -5.61 -16.73 19.06
C MET A 371 -6.98 -16.34 19.59
N THR A 372 -7.36 -16.96 20.70
CA THR A 372 -8.64 -16.68 21.33
C THR A 372 -8.49 -15.63 22.41
N ASP A 373 -9.54 -14.83 22.60
CA ASP A 373 -9.55 -13.73 23.57
C ASP A 373 -8.37 -12.80 23.36
N ALA A 374 -8.10 -12.47 22.10
CA ALA A 374 -6.94 -11.68 21.77
C ALA A 374 -7.14 -10.21 22.15
N HIS A 375 -6.05 -9.58 22.57
CA HIS A 375 -6.04 -8.15 22.87
C HIS A 375 -5.97 -7.39 21.55
N VAL A 376 -7.06 -6.71 21.19
CA VAL A 376 -7.17 -6.04 19.90
C VAL A 376 -7.73 -4.63 20.10
N TRP A 377 -7.56 -3.80 19.07
CA TRP A 377 -8.03 -2.42 19.12
C TRP A 377 -9.50 -2.28 18.74
N ASN A 378 -10.10 -3.31 18.15
CA ASN A 378 -11.52 -3.29 17.82
C ASN A 378 -12.06 -4.70 17.92
N LYS A 379 -13.33 -4.80 18.35
CA LYS A 379 -13.93 -6.10 18.64
C LYS A 379 -13.90 -7.04 17.45
N SER A 380 -13.95 -6.52 16.23
CA SER A 380 -14.02 -7.35 15.04
C SER A 380 -12.64 -7.78 14.53
N VAL A 381 -11.56 -7.43 15.23
CA VAL A 381 -10.21 -7.76 14.79
C VAL A 381 -9.82 -9.12 15.34
N THR A 382 -9.20 -9.94 14.50
CA THR A 382 -8.70 -11.24 14.90
C THR A 382 -7.17 -11.26 14.84
N LEU A 383 -6.58 -12.19 15.58
CA LEU A 383 -5.14 -12.29 15.72
C LEU A 383 -4.69 -13.71 15.43
N TYR A 384 -3.62 -13.85 14.65
CA TYR A 384 -3.09 -15.15 14.26
C TYR A 384 -1.60 -15.23 14.58
N THR A 385 -1.14 -16.44 14.90
CA THR A 385 0.27 -16.71 15.15
C THR A 385 0.82 -17.55 14.00
N VAL A 386 2.01 -17.18 13.53
CA VAL A 386 2.67 -17.84 12.40
C VAL A 386 3.88 -18.62 12.93
N LYS A 387 3.92 -19.91 12.63
CA LYS A 387 5.06 -20.75 12.98
C LYS A 387 5.70 -21.32 11.72
N ASP A 388 7.01 -21.57 11.79
CA ASP A 388 7.65 -22.38 10.76
C ASP A 388 7.20 -23.82 10.92
N LYS A 389 6.70 -24.41 9.82
CA LYS A 389 6.12 -25.74 9.91
C LYS A 389 7.13 -26.77 10.39
N ALA A 390 8.36 -26.71 9.89
CA ALA A 390 9.34 -27.75 10.17
C ALA A 390 9.93 -27.62 11.57
N THR A 391 10.27 -26.41 12.00
CA THR A 391 10.98 -26.22 13.26
C THR A 391 10.09 -25.79 14.42
N GLY A 392 8.89 -25.29 14.14
CA GLY A 392 8.05 -24.75 15.18
C GLY A 392 8.43 -23.35 15.63
N GLU A 393 9.42 -22.72 14.98
CA GLU A 393 9.81 -21.36 15.33
C GLU A 393 8.64 -20.41 15.13
N VAL A 394 8.38 -19.59 16.14
CA VAL A 394 7.31 -18.59 16.06
C VAL A 394 7.85 -17.38 15.32
N LEU A 395 7.38 -17.18 14.09
CA LEU A 395 7.92 -16.12 13.23
C LEU A 395 7.28 -14.77 13.52
N GLY A 396 5.99 -14.76 13.85
CA GLY A 396 5.32 -13.49 14.06
C GLY A 396 3.84 -13.68 14.29
N GLN A 397 3.14 -12.55 14.30
CA GLN A 397 1.69 -12.52 14.42
C GLN A 397 1.15 -11.46 13.48
N PHE A 398 -0.09 -11.66 13.03
CA PHE A 398 -0.75 -10.63 12.24
C PHE A 398 -2.20 -10.49 12.69
N TYR A 399 -2.70 -9.26 12.64
CA TYR A 399 -4.09 -8.94 12.90
C TYR A 399 -4.85 -8.84 11.58
N LEU A 400 -6.11 -9.25 11.60
CA LEU A 400 -7.01 -9.07 10.46
C LEU A 400 -8.08 -8.07 10.85
N ASP A 401 -8.12 -6.94 10.15
CA ASP A 401 -9.10 -5.87 10.36
C ASP A 401 -9.78 -5.65 9.01
N LEU A 402 -10.92 -6.34 8.80
CA LEU A 402 -11.44 -6.56 7.47
C LEU A 402 -12.64 -5.69 7.10
N TYR A 403 -13.37 -5.16 8.09
CA TYR A 403 -14.62 -4.50 7.74
C TYR A 403 -14.54 -2.99 8.00
N PRO A 404 -15.29 -2.20 7.25
CA PRO A 404 -15.25 -0.74 7.45
C PRO A 404 -15.98 -0.31 8.70
N ARG A 405 -15.64 0.88 9.16
CA ARG A 405 -16.29 1.50 10.30
C ARG A 405 -15.91 2.98 10.32
N GLU A 406 -16.58 3.73 11.18
CA GLU A 406 -16.31 5.17 11.28
C GLU A 406 -14.91 5.41 11.80
N GLY A 407 -14.15 6.26 11.11
CA GLY A 407 -12.82 6.62 11.52
C GLY A 407 -11.71 5.67 11.09
N LYS A 408 -12.05 4.55 10.46
CA LYS A 408 -11.06 3.58 10.02
C LYS A 408 -10.49 3.98 8.66
N TYR A 409 -9.20 3.71 8.48
CA TYR A 409 -8.52 3.91 7.21
C TYR A 409 -9.35 3.35 6.05
N ASN A 410 -9.61 4.19 5.05
CA ASN A 410 -10.59 3.87 4.01
C ASN A 410 -10.06 2.92 2.94
N HIS A 411 -8.77 2.99 2.63
CA HIS A 411 -8.19 2.22 1.53
C HIS A 411 -7.94 0.78 1.95
N ALA A 412 -6.89 0.17 1.40
CA ALA A 412 -6.44 -1.16 1.81
C ALA A 412 -4.94 -1.08 2.03
N ALA A 413 -4.48 -1.63 3.16
CA ALA A 413 -3.10 -1.42 3.55
C ALA A 413 -2.63 -2.56 4.44
N CYS A 414 -1.30 -2.68 4.52
CA CYS A 414 -0.63 -3.54 5.48
C CYS A 414 0.29 -2.68 6.32
N PHE A 415 0.26 -2.90 7.64
CA PHE A 415 1.03 -2.10 8.58
C PHE A 415 2.05 -2.99 9.30
N GLY A 416 3.30 -2.55 9.31
CA GLY A 416 4.30 -3.23 10.11
C GLY A 416 4.31 -2.71 11.52
N LEU A 417 4.03 -3.57 12.50
CA LEU A 417 3.88 -3.13 13.89
C LEU A 417 5.07 -3.49 14.76
N GLN A 418 5.69 -4.66 14.54
CA GLN A 418 6.94 -5.01 15.19
C GLN A 418 7.90 -5.57 14.15
N PRO A 419 9.16 -5.15 14.17
CA PRO A 419 10.13 -5.69 13.21
C PRO A 419 10.72 -7.01 13.70
N GLY A 420 10.93 -7.92 12.75
CA GLY A 420 11.54 -9.20 13.07
C GLY A 420 13.05 -9.15 13.13
N CYS A 421 13.59 -8.31 14.00
CA CYS A 421 15.02 -8.05 14.08
C CYS A 421 15.57 -8.51 15.42
N LEU A 422 16.89 -8.41 15.56
CA LEU A 422 17.56 -8.79 16.80
C LEU A 422 17.34 -7.73 17.87
N LEU A 423 17.30 -8.18 19.11
CA LEU A 423 17.11 -7.35 20.29
C LEU A 423 18.45 -7.15 21.00
N PRO A 424 18.55 -6.16 21.89
CA PRO A 424 19.84 -5.90 22.55
C PRO A 424 20.40 -7.11 23.27
N ASP A 425 19.55 -7.92 23.88
CA ASP A 425 19.99 -9.09 24.63
C ASP A 425 20.41 -10.26 23.74
N GLY A 426 20.38 -10.09 22.41
CA GLY A 426 20.79 -11.11 21.48
C GLY A 426 19.66 -11.94 20.89
N SER A 427 18.49 -11.95 21.53
CA SER A 427 17.37 -12.73 21.05
C SER A 427 16.71 -12.03 19.87
N ARG A 428 15.71 -12.69 19.28
CA ARG A 428 15.03 -12.21 18.08
C ARG A 428 13.63 -11.73 18.43
N MET A 429 13.29 -10.53 17.95
CA MET A 429 11.95 -10.00 18.19
C MET A 429 10.95 -10.61 17.22
N MET A 430 9.77 -10.93 17.74
CA MET A 430 8.69 -11.47 16.93
C MET A 430 8.10 -10.37 16.06
N ALA A 431 8.04 -10.62 14.75
CA ALA A 431 7.43 -9.66 13.83
C ALA A 431 5.92 -9.61 14.05
N VAL A 432 5.34 -8.43 13.81
CA VAL A 432 3.90 -8.22 13.96
C VAL A 432 3.43 -7.35 12.81
N ALA A 433 2.33 -7.76 12.16
CA ALA A 433 1.75 -7.03 11.05
C ALA A 433 0.25 -6.89 11.24
N ALA A 434 -0.35 -5.97 10.49
CA ALA A 434 -1.79 -5.77 10.53
C ALA A 434 -2.31 -5.56 9.12
N LEU A 435 -3.29 -6.37 8.73
CA LEU A 435 -3.97 -6.23 7.44
C LEU A 435 -5.24 -5.43 7.66
N VAL A 436 -5.35 -4.28 7.00
CA VAL A 436 -6.43 -3.34 7.21
C VAL A 436 -7.11 -3.10 5.86
N VAL A 437 -8.31 -3.66 5.69
CA VAL A 437 -9.10 -3.49 4.47
C VAL A 437 -10.54 -3.16 4.85
N ASN A 438 -11.34 -2.86 3.83
CA ASN A 438 -12.75 -2.48 4.00
C ASN A 438 -13.58 -3.33 3.04
N PHE A 439 -13.84 -4.58 3.44
CA PHE A 439 -14.63 -5.50 2.64
C PHE A 439 -16.11 -5.38 2.98
N SER A 440 -16.94 -5.86 2.05
CA SER A 440 -18.37 -5.83 2.25
C SER A 440 -18.76 -6.53 3.55
N GLN A 441 -19.65 -5.90 4.31
CA GLN A 441 -20.11 -6.47 5.56
C GLN A 441 -21.21 -7.49 5.32
N PRO A 442 -21.50 -8.35 6.30
CA PRO A 442 -22.60 -9.31 6.13
C PRO A 442 -23.94 -8.60 6.12
N VAL A 443 -24.73 -8.84 5.07
CA VAL A 443 -26.03 -8.20 4.91
C VAL A 443 -27.05 -9.23 4.46
N ALA A 444 -28.32 -8.88 4.65
CA ALA A 444 -29.46 -9.67 4.14
C ALA A 444 -29.47 -11.08 4.70
N GLY A 445 -28.95 -11.28 5.91
CA GLY A 445 -28.94 -12.60 6.51
C GLY A 445 -27.93 -13.54 5.91
N ARG A 446 -26.95 -13.03 5.19
CA ARG A 446 -25.89 -13.81 4.58
C ARG A 446 -24.55 -13.47 5.22
N PRO A 447 -23.57 -14.36 5.13
CA PRO A 447 -22.21 -13.98 5.55
C PRO A 447 -21.66 -12.92 4.61
N SER A 448 -20.57 -12.30 5.05
CA SER A 448 -19.85 -11.39 4.17
C SER A 448 -19.41 -12.14 2.91
N LEU A 449 -19.82 -11.63 1.76
CA LEU A 449 -19.51 -12.24 0.47
C LEU A 449 -18.58 -11.31 -0.30
N LEU A 450 -17.43 -11.83 -0.71
CA LEU A 450 -16.41 -11.03 -1.38
C LEU A 450 -16.53 -11.17 -2.88
N ARG A 451 -16.51 -10.04 -3.59
CA ARG A 451 -16.31 -10.09 -5.02
C ARG A 451 -14.90 -10.58 -5.33
N HIS A 452 -14.70 -11.05 -6.57
CA HIS A 452 -13.38 -11.55 -6.94
C HIS A 452 -12.32 -10.46 -6.85
N ASP A 453 -12.70 -9.20 -7.10
CA ASP A 453 -11.74 -8.10 -6.93
C ASP A 453 -11.42 -7.87 -5.47
N GLU A 454 -12.35 -8.18 -4.56
CA GLU A 454 -12.04 -8.10 -3.14
C GLU A 454 -11.15 -9.27 -2.71
N VAL A 455 -11.35 -10.45 -3.30
CA VAL A 455 -10.47 -11.57 -3.01
C VAL A 455 -9.05 -11.26 -3.46
N ARG A 456 -8.91 -10.64 -4.63
CA ARG A 456 -7.59 -10.24 -5.13
C ARG A 456 -6.95 -9.20 -4.21
N THR A 457 -7.74 -8.25 -3.72
CA THR A 457 -7.24 -7.29 -2.73
C THR A 457 -6.81 -7.99 -1.45
N TYR A 458 -7.60 -8.96 -0.99
CA TYR A 458 -7.24 -9.76 0.17
C TYR A 458 -5.90 -10.44 -0.02
N PHE A 459 -5.69 -11.07 -1.18
CA PHE A 459 -4.41 -11.72 -1.46
C PHE A 459 -3.28 -10.71 -1.60
N HIS A 460 -3.56 -9.58 -2.25
CA HIS A 460 -2.53 -8.55 -2.37
C HIS A 460 -1.99 -8.14 -1.01
N GLU A 461 -2.89 -7.78 -0.08
CA GLU A 461 -2.44 -7.30 1.21
C GLU A 461 -1.83 -8.41 2.05
N PHE A 462 -2.32 -9.64 1.92
CA PHE A 462 -1.73 -10.73 2.69
C PHE A 462 -0.31 -11.02 2.21
N GLY A 463 0.00 -10.72 0.95
CA GLY A 463 1.37 -10.85 0.50
C GLY A 463 2.32 -9.93 1.24
N HIS A 464 1.85 -8.70 1.51
CA HIS A 464 2.63 -7.78 2.34
C HIS A 464 2.81 -8.31 3.75
N VAL A 465 1.74 -8.88 4.32
CA VAL A 465 1.81 -9.40 5.69
C VAL A 465 2.87 -10.48 5.80
N MET A 466 2.87 -11.43 4.86
CA MET A 466 3.83 -12.51 4.92
C MET A 466 5.25 -12.02 4.66
N HIS A 467 5.41 -10.98 3.86
CA HIS A 467 6.73 -10.36 3.71
C HIS A 467 7.22 -9.79 5.03
N GLN A 468 6.33 -9.11 5.77
CA GLN A 468 6.69 -8.57 7.07
C GLN A 468 6.99 -9.69 8.07
N ILE A 469 6.24 -10.78 8.00
CA ILE A 469 6.38 -11.88 8.96
C ILE A 469 7.62 -12.71 8.68
N CYS A 470 7.88 -13.02 7.41
CA CYS A 470 8.98 -13.92 7.05
C CYS A 470 10.32 -13.23 7.03
N ALA A 471 10.36 -11.89 6.98
CA ALA A 471 11.64 -11.19 6.94
C ALA A 471 12.31 -11.23 8.31
N GLN A 472 13.57 -11.64 8.33
CA GLN A 472 14.37 -11.66 9.54
C GLN A 472 15.71 -11.02 9.26
N THR A 473 16.01 -9.93 9.96
CA THR A 473 17.24 -9.18 9.77
C THR A 473 17.86 -8.88 11.13
N ASP A 474 19.10 -8.39 11.09
CA ASP A 474 19.77 -8.00 12.33
C ASP A 474 19.25 -6.65 12.83
N PHE A 475 18.99 -5.72 11.92
CA PHE A 475 18.65 -4.34 12.27
C PHE A 475 17.20 -4.04 11.88
N ALA A 476 16.54 -3.25 12.72
CA ALA A 476 15.13 -2.90 12.47
C ALA A 476 14.97 -2.08 11.20
N ARG A 477 15.95 -1.24 10.86
CA ARG A 477 15.81 -0.40 9.68
C ARG A 477 15.86 -1.20 8.38
N PHE A 478 16.29 -2.45 8.43
CA PHE A 478 16.26 -3.33 7.26
C PHE A 478 15.19 -4.42 7.38
N SER A 479 14.39 -4.40 8.44
CA SER A 479 13.44 -5.48 8.69
C SER A 479 12.21 -5.34 7.80
N GLY A 480 11.41 -6.41 7.79
CA GLY A 480 10.13 -6.42 7.13
C GLY A 480 10.15 -5.98 5.68
N THR A 481 9.36 -4.95 5.37
CA THR A 481 9.17 -4.47 4.02
C THR A 481 10.01 -3.24 3.71
N ASN A 482 11.09 -3.01 4.47
CA ASN A 482 11.96 -1.86 4.26
C ASN A 482 12.89 -2.09 3.05
N VAL A 483 12.26 -2.38 1.92
CA VAL A 483 12.97 -2.53 0.65
C VAL A 483 12.71 -1.28 -0.19
N GLU A 484 13.27 -1.25 -1.40
CA GLU A 484 13.02 -0.14 -2.31
C GLU A 484 11.53 -0.02 -2.57
N THR A 485 11.06 1.24 -2.71
CA THR A 485 9.63 1.46 -2.89
C THR A 485 9.12 0.79 -4.17
N ASP A 486 9.88 0.88 -5.25
CA ASP A 486 9.48 0.23 -6.50
C ASP A 486 9.74 -1.27 -6.48
N PHE A 487 10.10 -1.82 -5.32
CA PHE A 487 10.23 -3.26 -5.14
C PHE A 487 9.26 -3.84 -4.13
N VAL A 488 8.72 -3.02 -3.23
CA VAL A 488 7.89 -3.53 -2.14
C VAL A 488 6.56 -4.11 -2.64
N GLU A 489 6.15 -3.77 -3.85
CA GLU A 489 4.91 -4.31 -4.41
C GLU A 489 5.11 -5.63 -5.11
N VAL A 490 6.31 -6.19 -5.08
CA VAL A 490 6.59 -7.49 -5.69
C VAL A 490 5.88 -8.60 -4.91
N PRO A 491 6.06 -8.73 -3.58
CA PRO A 491 5.39 -9.83 -2.88
C PRO A 491 3.87 -9.72 -2.86
N SER A 492 3.34 -8.50 -2.83
CA SER A 492 1.88 -8.34 -2.82
C SER A 492 1.28 -8.77 -4.15
N GLN A 493 1.79 -8.23 -5.26
CA GLN A 493 1.27 -8.59 -6.57
C GLN A 493 1.59 -10.03 -6.95
N MET A 494 2.64 -10.61 -6.38
CA MET A 494 2.95 -12.01 -6.65
C MET A 494 1.81 -12.92 -6.18
N LEU A 495 1.30 -12.69 -4.97
CA LEU A 495 0.27 -13.56 -4.42
C LEU A 495 -1.04 -13.45 -5.20
N GLU A 496 -1.31 -12.28 -5.79
CA GLU A 496 -2.53 -12.10 -6.57
C GLU A 496 -2.67 -13.16 -7.65
N ASN A 497 -1.55 -13.65 -8.19
CA ASN A 497 -1.61 -14.64 -9.26
C ASN A 497 -2.35 -15.90 -8.85
N TRP A 498 -2.48 -16.18 -7.55
CA TRP A 498 -3.17 -17.37 -7.08
C TRP A 498 -4.69 -17.23 -7.10
N VAL A 499 -5.23 -16.05 -7.38
CA VAL A 499 -6.67 -15.88 -7.59
C VAL A 499 -7.02 -15.94 -9.07
N TRP A 500 -6.04 -16.23 -9.94
CA TRP A 500 -6.27 -16.38 -11.37
C TRP A 500 -5.91 -17.78 -11.85
N ASP A 501 -5.92 -18.77 -10.96
CA ASP A 501 -5.63 -20.15 -11.31
C ASP A 501 -6.86 -21.00 -11.01
N VAL A 502 -7.24 -21.86 -11.95
CA VAL A 502 -8.47 -22.62 -11.82
C VAL A 502 -8.44 -23.50 -10.58
N ASP A 503 -7.38 -24.29 -10.41
CA ASP A 503 -7.32 -25.21 -9.27
C ASP A 503 -7.26 -24.45 -7.95
N SER A 504 -6.50 -23.35 -7.91
CA SER A 504 -6.46 -22.54 -6.69
C SER A 504 -7.83 -21.93 -6.39
N LEU A 505 -8.52 -21.44 -7.43
CA LEU A 505 -9.84 -20.84 -7.21
C LEU A 505 -10.83 -21.87 -6.69
N ARG A 506 -10.72 -23.11 -7.18
N ARG A 506 -10.72 -23.12 -7.17
CA ARG A 506 -11.61 -24.17 -6.70
CA ARG A 506 -11.64 -24.16 -6.70
C ARG A 506 -11.43 -24.42 -5.21
C ARG A 506 -11.41 -24.49 -5.23
N ARG A 507 -10.22 -24.21 -4.69
CA ARG A 507 -9.96 -24.39 -3.27
C ARG A 507 -10.39 -23.21 -2.43
N LEU A 508 -10.55 -22.04 -3.03
CA LEU A 508 -10.91 -20.82 -2.31
C LEU A 508 -12.40 -20.55 -2.32
N SER A 509 -13.20 -21.36 -3.02
CA SER A 509 -14.60 -21.06 -3.24
C SER A 509 -15.49 -22.19 -2.74
N LYS A 510 -16.70 -21.80 -2.34
CA LYS A 510 -17.69 -22.71 -1.78
C LYS A 510 -18.99 -21.92 -1.60
N HIS A 511 -20.05 -22.32 -2.28
CA HIS A 511 -21.28 -21.54 -2.25
C HIS A 511 -21.79 -21.40 -0.82
N TYR A 512 -22.13 -20.17 -0.44
CA TYR A 512 -22.50 -19.89 0.94
C TYR A 512 -23.76 -20.63 1.37
N LYS A 513 -24.62 -21.02 0.42
CA LYS A 513 -25.90 -21.64 0.74
C LYS A 513 -25.81 -23.16 0.72
N ASP A 514 -25.44 -23.75 -0.42
CA ASP A 514 -25.41 -25.20 -0.56
C ASP A 514 -24.00 -25.77 -0.61
N GLY A 515 -22.98 -24.95 -0.37
CA GLY A 515 -21.61 -25.44 -0.35
C GLY A 515 -21.10 -26.00 -1.66
N SER A 516 -21.84 -25.81 -2.76
CA SER A 516 -21.42 -26.35 -4.05
C SER A 516 -20.27 -25.53 -4.64
N PRO A 517 -19.45 -26.13 -5.48
CA PRO A 517 -18.33 -25.40 -6.07
C PRO A 517 -18.76 -24.61 -7.30
N ILE A 518 -17.90 -23.65 -7.68
CA ILE A 518 -18.10 -22.92 -8.92
C ILE A 518 -18.05 -23.90 -10.09
N ALA A 519 -18.97 -23.75 -11.03
CA ALA A 519 -18.99 -24.61 -12.20
C ALA A 519 -17.68 -24.49 -12.97
N ASP A 520 -17.29 -25.58 -13.63
CA ASP A 520 -16.02 -25.59 -14.37
C ASP A 520 -16.01 -24.53 -15.45
N ASP A 521 -17.10 -24.41 -16.21
CA ASP A 521 -17.15 -23.43 -17.28
C ASP A 521 -17.01 -22.01 -16.75
N LEU A 522 -17.64 -21.71 -15.62
CA LEU A 522 -17.52 -20.37 -15.05
C LEU A 522 -16.11 -20.11 -14.52
N LEU A 523 -15.48 -21.14 -13.94
CA LEU A 523 -14.09 -20.99 -13.50
C LEU A 523 -13.17 -20.67 -14.66
N GLU A 524 -13.35 -21.35 -15.79
CA GLU A 524 -12.52 -21.06 -16.96
C GLU A 524 -12.74 -19.65 -17.46
N LYS A 525 -13.99 -19.18 -17.44
CA LYS A 525 -14.28 -17.82 -17.87
C LYS A 525 -13.69 -16.79 -16.92
N LEU A 526 -13.73 -17.06 -15.62
CA LEU A 526 -13.17 -16.12 -14.66
C LEU A 526 -11.67 -15.95 -14.87
N VAL A 527 -10.95 -17.04 -15.08
CA VAL A 527 -9.51 -16.95 -15.31
C VAL A 527 -9.22 -16.25 -16.63
N ALA A 528 -9.96 -16.60 -17.68
CA ALA A 528 -9.74 -15.97 -18.98
C ALA A 528 -10.11 -14.50 -19.00
N SER A 529 -10.89 -14.03 -18.03
CA SER A 529 -11.30 -12.64 -17.97
C SER A 529 -10.25 -11.74 -17.31
N ARG A 530 -9.07 -12.26 -16.99
CA ARG A 530 -8.08 -11.47 -16.28
C ARG A 530 -7.70 -10.21 -17.05
N LEU A 531 -7.73 -10.26 -18.38
CA LEU A 531 -7.29 -9.15 -19.20
C LEU A 531 -8.43 -8.25 -19.67
N VAL A 532 -9.65 -8.47 -19.18
CA VAL A 532 -10.75 -7.59 -19.59
C VAL A 532 -10.49 -6.19 -19.05
N ASN A 533 -10.73 -5.19 -19.90
CA ASN A 533 -10.52 -3.78 -19.58
C ASN A 533 -9.06 -3.44 -19.29
N THR A 534 -8.11 -4.34 -19.62
CA THR A 534 -6.73 -4.11 -19.23
C THR A 534 -6.15 -2.88 -19.91
N GLY A 535 -6.62 -2.55 -21.11
CA GLY A 535 -6.13 -1.39 -21.83
C GLY A 535 -6.36 -0.10 -21.08
N LEU A 536 -7.61 0.18 -20.73
CA LEU A 536 -7.92 1.42 -20.04
C LEU A 536 -7.56 1.36 -18.56
N LEU A 537 -7.68 0.20 -17.92
CA LEU A 537 -7.27 0.07 -16.53
C LEU A 537 -5.78 0.34 -16.36
N THR A 538 -4.96 -0.18 -17.27
CA THR A 538 -3.51 0.05 -17.15
C THR A 538 -3.14 1.47 -17.57
N LEU A 539 -3.78 1.97 -18.62
CA LEU A 539 -3.52 3.36 -19.03
C LEU A 539 -3.88 4.33 -17.93
N ARG A 540 -4.90 4.03 -17.13
CA ARG A 540 -5.23 4.90 -16.00
C ARG A 540 -4.11 4.91 -14.97
N GLN A 541 -3.50 3.74 -14.72
CA GLN A 541 -2.36 3.69 -13.81
C GLN A 541 -1.15 4.41 -14.39
N ILE A 542 -0.99 4.40 -15.71
CA ILE A 542 0.08 5.18 -16.31
C ILE A 542 -0.18 6.67 -16.13
N VAL A 543 -1.44 7.09 -16.25
CA VAL A 543 -1.80 8.49 -16.01
C VAL A 543 -1.39 8.90 -14.60
N LEU A 544 -1.75 8.08 -13.61
CA LEU A 544 -1.37 8.39 -12.23
C LEU A 544 0.14 8.42 -12.06
N SER A 545 0.84 7.48 -12.71
CA SER A 545 2.30 7.47 -12.63
C SER A 545 2.90 8.70 -13.29
N LYS A 546 2.34 9.13 -14.43
CA LYS A 546 2.88 10.29 -15.12
C LYS A 546 2.62 11.57 -14.34
N VAL A 547 1.41 11.73 -13.80
CA VAL A 547 1.10 12.90 -12.99
C VAL A 547 2.03 12.98 -11.79
N ASP A 548 2.33 11.84 -11.17
CA ASP A 548 3.21 11.82 -10.02
C ASP A 548 4.63 12.25 -10.39
N GLN A 549 5.15 11.75 -11.51
CA GLN A 549 6.47 12.17 -11.97
C GLN A 549 6.48 13.66 -12.29
N SER A 550 5.47 14.14 -13.01
CA SER A 550 5.45 15.53 -13.43
C SER A 550 5.35 16.47 -12.24
N LEU A 551 4.48 16.17 -11.29
CA LEU A 551 4.31 17.04 -10.12
C LEU A 551 5.57 17.13 -9.28
N HIS A 552 6.50 16.19 -9.43
CA HIS A 552 7.77 16.23 -8.74
C HIS A 552 8.93 16.49 -9.67
N THR A 553 8.64 16.90 -10.91
CA THR A 553 9.68 17.28 -11.88
C THR A 553 9.57 18.76 -12.24
N ASN A 554 8.46 19.20 -12.82
CA ASN A 554 8.26 20.61 -13.09
C ASN A 554 7.76 21.32 -11.83
N THR A 555 8.08 22.60 -11.72
CA THR A 555 7.89 23.33 -10.48
C THR A 555 6.54 24.05 -10.42
N SER A 556 6.29 24.94 -11.37
CA SER A 556 5.13 25.83 -11.32
C SER A 556 3.97 25.28 -12.15
N LEU A 557 3.55 24.06 -11.81
CA LEU A 557 2.48 23.39 -12.54
C LEU A 557 1.23 23.25 -11.69
N ASP A 558 0.07 23.50 -12.31
CA ASP A 558 -1.22 23.27 -11.66
C ASP A 558 -1.51 21.77 -11.67
N ALA A 559 -1.62 21.18 -10.48
CA ALA A 559 -1.76 19.72 -10.38
C ALA A 559 -3.03 19.25 -11.09
N ALA A 560 -4.13 19.98 -10.93
CA ALA A 560 -5.37 19.58 -11.59
C ALA A 560 -5.23 19.63 -13.11
N SER A 561 -4.58 20.68 -13.63
CA SER A 561 -4.39 20.78 -15.07
C SER A 561 -3.47 19.68 -15.59
N GLU A 562 -2.45 19.32 -14.82
CA GLU A 562 -1.53 18.27 -15.26
C GLU A 562 -2.22 16.91 -15.26
N TYR A 563 -3.11 16.67 -14.31
CA TYR A 563 -3.91 15.46 -14.31
C TYR A 563 -4.84 15.42 -15.52
N ALA A 564 -5.53 16.53 -15.79
CA ALA A 564 -6.43 16.59 -16.94
C ALA A 564 -5.69 16.40 -18.25
N LYS A 565 -4.45 16.91 -18.33
CA LYS A 565 -3.66 16.72 -19.55
C LYS A 565 -3.43 15.24 -19.83
N TYR A 566 -2.92 14.50 -18.85
CA TYR A 566 -2.61 13.10 -19.08
C TYR A 566 -3.87 12.25 -19.22
N CYS A 567 -4.97 12.66 -18.58
CA CYS A 567 -6.23 11.96 -18.77
C CYS A 567 -6.67 11.99 -20.24
N SER A 568 -6.54 13.15 -20.89
CA SER A 568 -6.94 13.27 -22.28
C SER A 568 -5.93 12.63 -23.22
N GLU A 569 -4.64 12.89 -22.99
CA GLU A 569 -3.62 12.42 -23.93
C GLU A 569 -3.41 10.92 -23.87
N ILE A 570 -3.53 10.32 -22.68
CA ILE A 570 -3.18 8.92 -22.47
C ILE A 570 -4.43 8.05 -22.33
N LEU A 571 -5.31 8.39 -21.38
CA LEU A 571 -6.46 7.55 -21.11
C LEU A 571 -7.60 7.78 -22.10
N GLY A 572 -7.72 8.98 -22.65
CA GLY A 572 -8.83 9.29 -23.51
C GLY A 572 -10.15 9.52 -22.81
N VAL A 573 -10.14 9.65 -21.49
CA VAL A 573 -11.33 9.93 -20.69
C VAL A 573 -11.04 11.21 -19.93
N ALA A 574 -11.75 12.29 -20.29
CA ALA A 574 -11.45 13.60 -19.74
C ALA A 574 -11.69 13.66 -18.24
N ALA A 575 -10.87 14.43 -17.55
CA ALA A 575 -11.14 14.73 -16.15
C ALA A 575 -12.31 15.70 -16.06
N THR A 576 -13.20 15.45 -15.11
CA THR A 576 -14.38 16.29 -14.95
C THR A 576 -13.97 17.70 -14.55
N PRO A 577 -14.35 18.73 -15.32
CA PRO A 577 -14.00 20.10 -14.93
C PRO A 577 -14.52 20.44 -13.54
N GLY A 578 -13.66 21.07 -12.74
CA GLY A 578 -13.98 21.44 -11.39
C GLY A 578 -13.48 20.46 -10.34
N THR A 579 -13.12 19.25 -10.73
CA THR A 579 -12.55 18.28 -9.80
C THR A 579 -11.06 18.48 -9.66
N ASN A 580 -10.49 17.91 -8.58
CA ASN A 580 -9.05 17.95 -8.33
C ASN A 580 -8.66 16.58 -7.76
N MET A 581 -8.46 15.62 -8.67
CA MET A 581 -8.00 14.29 -8.27
C MET A 581 -6.70 14.32 -7.46
N PRO A 582 -5.68 15.09 -7.84
CA PRO A 582 -4.44 15.11 -7.02
C PRO A 582 -4.66 15.52 -5.58
N ALA A 583 -5.66 16.37 -5.30
CA ALA A 583 -5.94 16.74 -3.92
C ALA A 583 -6.48 15.57 -3.10
N THR A 584 -6.91 14.49 -3.75
CA THR A 584 -7.30 13.26 -3.06
C THR A 584 -6.26 12.17 -3.20
N PHE A 585 -5.13 12.45 -3.86
CA PHE A 585 -4.12 11.44 -4.18
C PHE A 585 -3.24 11.22 -2.95
N GLY A 586 -3.72 10.35 -2.06
CA GLY A 586 -3.06 10.15 -0.78
C GLY A 586 -1.66 9.59 -0.90
N HIS A 587 -1.38 8.84 -1.97
CA HIS A 587 -0.04 8.30 -2.18
C HIS A 587 1.01 9.39 -2.20
N LEU A 588 0.68 10.58 -2.72
CA LEU A 588 1.63 11.68 -2.79
C LEU A 588 2.12 12.11 -1.42
N ALA A 589 1.36 11.82 -0.36
CA ALA A 589 1.75 12.18 0.99
C ALA A 589 2.00 10.97 1.87
N GLY A 590 1.96 9.76 1.31
CA GLY A 590 2.13 8.56 2.09
C GLY A 590 3.35 7.74 1.71
N GLY A 591 4.43 8.41 1.31
CA GLY A 591 5.66 7.75 0.99
C GLY A 591 5.80 7.26 -0.43
N TYR A 592 4.83 7.55 -1.30
CA TYR A 592 4.90 7.16 -2.71
C TYR A 592 5.18 8.35 -3.62
N ASP A 593 5.60 9.48 -3.05
CA ASP A 593 5.86 10.68 -3.86
C ASP A 593 6.98 10.45 -4.85
N GLY A 594 6.70 10.72 -6.12
CA GLY A 594 7.67 10.46 -7.17
C GLY A 594 7.94 9.00 -7.41
N GLN A 595 7.17 8.11 -6.78
CA GLN A 595 7.43 6.68 -6.83
C GLN A 595 6.19 5.85 -7.13
N TYR A 596 5.11 6.48 -7.60
CA TYR A 596 3.89 5.72 -7.89
C TYR A 596 4.08 4.76 -9.07
N TYR A 597 5.02 5.05 -9.96
CA TYR A 597 5.37 4.11 -11.03
C TYR A 597 5.74 2.74 -10.50
N GLY A 598 6.06 2.64 -9.20
CA GLY A 598 6.61 1.41 -8.66
C GLY A 598 5.67 0.22 -8.74
N TYR A 599 4.36 0.48 -8.79
CA TYR A 599 3.40 -0.62 -8.93
C TYR A 599 3.59 -1.35 -10.26
N LEU A 600 3.57 -0.60 -11.36
CA LEU A 600 3.82 -1.21 -12.66
C LEU A 600 5.24 -1.76 -12.77
N TRP A 601 6.20 -1.03 -12.20
CA TRP A 601 7.59 -1.49 -12.19
C TRP A 601 7.72 -2.83 -11.47
N SER A 602 7.11 -2.94 -10.29
CA SER A 602 7.16 -4.20 -9.53
C SER A 602 6.49 -5.33 -10.30
N GLU A 603 5.40 -5.03 -11.01
CA GLU A 603 4.64 -6.08 -11.67
C GLU A 603 5.48 -6.82 -12.71
N VAL A 604 6.43 -6.12 -13.33
CA VAL A 604 7.34 -6.80 -14.27
C VAL A 604 8.13 -7.89 -13.55
N PHE A 605 8.60 -7.60 -12.33
CA PHE A 605 9.40 -8.57 -11.59
C PHE A 605 8.54 -9.72 -11.09
N SER A 606 7.38 -9.41 -10.50
CA SER A 606 6.52 -10.46 -9.96
C SER A 606 6.02 -11.38 -11.07
N MET A 607 5.65 -10.81 -12.23
CA MET A 607 5.19 -11.63 -13.35
C MET A 607 6.31 -12.53 -13.85
N ASP A 608 7.53 -12.01 -13.93
CA ASP A 608 8.65 -12.82 -14.37
C ASP A 608 8.89 -13.99 -13.42
N MET A 609 8.79 -13.75 -12.12
CA MET A 609 8.98 -14.83 -11.16
C MET A 609 7.85 -15.86 -11.22
N PHE A 610 6.61 -15.39 -11.34
CA PHE A 610 5.49 -16.32 -11.37
C PHE A 610 5.52 -17.20 -12.62
N TYR A 611 5.74 -16.59 -13.79
CA TYR A 611 5.75 -17.36 -15.02
C TYR A 611 6.97 -18.26 -15.11
N SER A 612 8.16 -17.71 -14.87
CA SER A 612 9.40 -18.45 -15.12
C SER A 612 9.63 -19.55 -14.10
N CYS A 613 9.11 -19.41 -12.89
CA CYS A 613 9.41 -20.36 -11.82
C CYS A 613 8.18 -21.12 -11.34
N PHE A 614 7.17 -20.43 -10.80
CA PHE A 614 6.03 -21.13 -10.22
C PHE A 614 5.20 -21.84 -11.28
N LYS A 615 4.79 -21.11 -12.32
CA LYS A 615 3.95 -21.72 -13.34
C LYS A 615 4.68 -22.80 -14.12
N LYS A 616 6.00 -22.66 -14.28
CA LYS A 616 6.78 -23.65 -15.02
C LYS A 616 6.90 -24.97 -14.25
N GLU A 617 6.88 -24.90 -12.91
CA GLU A 617 7.13 -26.08 -12.08
C GLU A 617 6.01 -26.34 -11.09
N GLY A 618 4.80 -25.86 -11.36
CA GLY A 618 3.67 -26.05 -10.47
C GLY A 618 3.58 -24.97 -9.42
N ILE A 619 2.47 -24.23 -9.40
CA ILE A 619 2.36 -23.02 -8.59
C ILE A 619 2.15 -23.37 -7.11
N MET A 620 2.03 -24.66 -6.80
CA MET A 620 1.94 -25.12 -5.42
C MET A 620 3.18 -25.88 -4.98
N ASN A 621 4.23 -25.89 -5.80
CA ASN A 621 5.46 -26.62 -5.49
C ASN A 621 6.10 -26.05 -4.23
N PRO A 622 6.20 -26.83 -3.15
CA PRO A 622 6.79 -26.29 -1.91
C PRO A 622 8.27 -25.99 -2.02
N GLU A 623 8.99 -26.63 -2.93
CA GLU A 623 10.40 -26.34 -3.10
C GLU A 623 10.61 -24.97 -3.72
N VAL A 624 9.85 -24.65 -4.76
CA VAL A 624 9.90 -23.29 -5.30
C VAL A 624 9.33 -22.30 -4.30
N GLY A 625 8.33 -22.72 -3.52
CA GLY A 625 7.78 -21.84 -2.49
C GLY A 625 8.79 -21.51 -1.41
N MET A 626 9.55 -22.51 -0.95
CA MET A 626 10.56 -22.27 0.07
C MET A 626 11.70 -21.43 -0.46
N LYS A 627 12.06 -21.62 -1.73
CA LYS A 627 13.07 -20.77 -2.35
C LYS A 627 12.60 -19.32 -2.40
N TYR A 628 11.31 -19.11 -2.64
CA TYR A 628 10.76 -17.76 -2.65
C TYR A 628 10.82 -17.12 -1.27
N ARG A 629 10.47 -17.88 -0.23
CA ARG A 629 10.52 -17.34 1.12
C ARG A 629 11.94 -16.93 1.50
N ASN A 630 12.91 -17.80 1.22
CA ASN A 630 14.28 -17.58 1.71
C ASN A 630 14.99 -16.49 0.93
N LEU A 631 14.74 -16.38 -0.37
CA LEU A 631 15.50 -15.45 -1.21
C LEU A 631 14.82 -14.11 -1.42
N ILE A 632 13.50 -14.04 -1.31
CA ILE A 632 12.76 -12.82 -1.60
C ILE A 632 12.16 -12.21 -0.35
N LEU A 633 11.59 -13.02 0.55
CA LEU A 633 10.95 -12.50 1.74
C LEU A 633 11.91 -12.42 2.92
N LYS A 634 12.61 -13.52 3.21
CA LYS A 634 13.44 -13.58 4.41
C LYS A 634 14.50 -12.49 4.51
N PRO A 635 15.18 -12.06 3.44
CA PRO A 635 16.20 -11.01 3.59
C PRO A 635 15.65 -9.65 3.98
N GLY A 636 14.36 -9.41 3.80
CA GLY A 636 13.82 -8.09 4.07
C GLY A 636 14.58 -7.04 3.27
N GLY A 637 14.95 -5.96 3.92
CA GLY A 637 15.73 -4.90 3.30
C GLY A 637 17.22 -5.01 3.51
N SER A 638 17.72 -6.15 4.00
CA SER A 638 19.16 -6.32 4.19
C SER A 638 19.91 -6.59 2.90
N LEU A 639 19.21 -6.76 1.78
CA LEU A 639 19.82 -6.92 0.47
C LEU A 639 19.10 -6.03 -0.53
N ASP A 640 19.81 -5.68 -1.59
CA ASP A 640 19.21 -4.91 -2.67
C ASP A 640 18.16 -5.74 -3.40
N GLY A 641 17.10 -5.07 -3.85
CA GLY A 641 16.01 -5.78 -4.50
C GLY A 641 16.46 -6.54 -5.74
N MET A 642 17.27 -5.91 -6.58
CA MET A 642 17.75 -6.57 -7.78
C MET A 642 18.66 -7.75 -7.46
N ASP A 643 19.36 -7.70 -6.33
CA ASP A 643 20.17 -8.85 -5.93
C ASP A 643 19.29 -10.04 -5.54
N MET A 644 18.19 -9.78 -4.82
CA MET A 644 17.29 -10.85 -4.45
C MET A 644 16.60 -11.45 -5.67
N LEU A 645 16.19 -10.60 -6.62
CA LEU A 645 15.61 -11.11 -7.86
C LEU A 645 16.59 -12.00 -8.60
N HIS A 646 17.86 -11.60 -8.67
CA HIS A 646 18.85 -12.40 -9.37
C HIS A 646 19.10 -13.72 -8.66
N ASN A 647 19.12 -13.70 -7.32
CA ASN A 647 19.28 -14.95 -6.58
C ASN A 647 18.14 -15.92 -6.86
N PHE A 648 16.91 -15.40 -7.02
CA PHE A 648 15.77 -16.27 -7.24
C PHE A 648 15.70 -16.75 -8.68
N LEU A 649 15.82 -15.83 -9.63
CA LEU A 649 15.72 -16.18 -11.05
C LEU A 649 17.00 -16.80 -11.59
N LYS A 650 18.14 -16.56 -10.93
CA LYS A 650 19.47 -16.97 -11.42
C LYS A 650 19.81 -16.29 -12.74
N ARG A 651 19.22 -15.12 -12.98
CA ARG A 651 19.46 -14.32 -14.19
C ARG A 651 18.87 -12.94 -13.94
N GLU A 652 18.97 -12.09 -14.95
CA GLU A 652 18.32 -10.79 -14.80
C GLU A 652 16.87 -10.89 -15.28
N PRO A 653 15.97 -10.14 -14.67
CA PRO A 653 14.56 -10.17 -15.11
C PRO A 653 14.38 -9.47 -16.44
N ASN A 654 13.26 -9.80 -17.09
CA ASN A 654 12.90 -9.15 -18.35
C ASN A 654 11.38 -9.02 -18.41
N GLN A 655 10.90 -8.36 -19.45
CA GLN A 655 9.49 -8.04 -19.59
C GLN A 655 8.70 -9.08 -20.37
N LYS A 656 9.33 -10.17 -20.81
CA LYS A 656 8.62 -11.16 -21.63
C LYS A 656 7.38 -11.67 -20.92
N ALA A 657 7.53 -12.14 -19.68
CA ALA A 657 6.38 -12.62 -18.92
C ALA A 657 5.38 -11.49 -18.68
N PHE A 658 5.87 -10.31 -18.31
CA PHE A 658 4.98 -9.17 -18.08
C PHE A 658 4.18 -8.82 -19.32
N LEU A 659 4.85 -8.75 -20.47
CA LEU A 659 4.14 -8.44 -21.71
C LEU A 659 3.22 -9.58 -22.12
N MET A 660 3.69 -10.83 -21.98
CA MET A 660 2.87 -11.97 -22.33
C MET A 660 1.60 -12.02 -21.50
N SER A 661 1.70 -11.68 -20.21
CA SER A 661 0.54 -11.67 -19.34
C SER A 661 -0.41 -10.52 -19.64
N ARG A 662 -0.01 -9.56 -20.47
CA ARG A 662 -0.86 -8.44 -20.85
C ARG A 662 -1.43 -8.58 -22.25
N GLY A 663 -1.14 -9.68 -22.94
CA GLY A 663 -1.58 -9.83 -24.32
C GLY A 663 -0.83 -8.93 -25.28
N LEU A 664 0.41 -8.60 -24.97
CA LEU A 664 1.23 -7.69 -25.77
C LEU A 664 2.43 -8.45 -26.33
N HIS A 665 3.21 -7.75 -27.16
CA HIS A 665 4.45 -8.27 -27.73
C HIS A 665 4.23 -9.61 -28.46
N PHE B 4 3.38 3.36 5.73
CA PHE B 4 2.80 2.03 5.54
C PHE B 4 2.56 1.73 4.06
N LEU B 5 2.27 0.47 3.75
CA LEU B 5 2.10 0.03 2.38
C LEU B 5 0.65 0.23 1.94
N ARG B 6 0.48 0.74 0.71
CA ARG B 6 -0.84 0.99 0.15
C ARG B 6 -1.03 0.18 -1.12
N ARG B 7 -2.30 -0.02 -1.49
CA ARG B 7 -2.68 -0.62 -2.76
C ARG B 7 -2.81 0.49 -3.81
N ILE B 8 -2.78 0.07 -5.08
CA ILE B 8 -2.99 0.99 -6.21
C ILE B 8 -4.27 1.78 -5.97
N ARG B 9 -4.33 2.98 -6.52
CA ARG B 9 -5.52 3.81 -6.40
C ARG B 9 -6.53 3.46 -7.49
ZN ZN C . 0.63 -2.80 -1.81
C1 EDO D . -11.93 6.84 -28.91
O1 EDO D . -11.59 7.55 -27.72
C2 EDO D . -10.79 5.91 -29.30
O2 EDO D . -9.58 6.66 -29.45
C1 EDO E . -5.94 1.80 20.51
O1 EDO E . -6.60 2.40 19.39
C2 EDO E . -5.36 2.87 21.41
O2 EDO E . -4.45 2.27 22.34
C1 EDO F . -6.20 9.19 -27.09
O1 EDO F . -5.84 10.58 -27.06
C2 EDO F . -7.67 9.04 -26.72
O2 EDO F . -8.48 9.76 -27.66
C1 EDO G . -6.78 27.03 -7.46
O1 EDO G . -5.66 26.78 -8.31
C2 EDO G . -6.30 27.34 -6.04
O2 EDO G . -5.54 28.56 -6.04
C1 EDO H . -10.30 9.78 -15.55
O1 EDO H . -10.18 8.62 -14.71
C2 EDO H . -11.34 10.73 -14.98
O2 EDO H . -10.93 11.23 -13.69
C1 EDO I . 4.10 -16.48 -2.56
O1 EDO I . 4.01 -17.86 -2.23
C2 EDO I . 2.71 -15.89 -2.70
O2 EDO I . 2.86 -14.51 -3.06
C1 EDO J . 16.06 4.15 11.00
O1 EDO J . 16.52 5.35 11.62
C2 EDO J . 16.19 4.29 9.48
O2 EDO J . 15.75 5.59 9.09
C1 EDO K . 14.44 8.57 16.67
O1 EDO K . 14.19 9.78 15.95
C2 EDO K . 14.73 7.44 15.69
O2 EDO K . 15.11 6.27 16.42
ZN ZN L . 11.35 -2.86 -16.16
CL CL M . 10.30 -9.37 24.01
NA NA N . 13.31 -20.56 -10.29
NA NA O . -33.82 1.33 -13.88
#